data_1S9H
#
_entry.id   1S9H
#
_cell.length_a   126.294
_cell.length_b   126.294
_cell.length_c   97.894
_cell.angle_alpha   90.00
_cell.angle_beta   90.00
_cell.angle_gamma   120.00
#
_symmetry.space_group_name_H-M   'P 65'
#
loop_
_entity.id
_entity.type
_entity.pdbx_description
1 polymer 'Rep 40 protein'
2 water water
#
_entity_poly.entity_id   1
_entity_poly.type   'polypeptide(L)'
_entity_poly.pdbx_seq_one_letter_code
;AGMELVGWLVDKGITSEKQWIQEDQASYISFNAASNSRSQIKAALDNAGKIMSLTKTAPDYLVGQQPVEDISSNRIYKIL
ELNGYDPQYAASVFLGWATKKFGKRNTIWLFGPATTGKTNIAEAIAHTVPFYGCVNWTNENFPFNDCVDKMVIWWEEGKM
TAKVVESAKAILGGSKVRVDQKCKSSAQIDPTPVIVTSNTNMCAVIDGNSTTFEHQQPLQDRMFKFELTRRLDHDFGKVT
KQEVKDFFRWAKDHVVEVEHEFYVKKGG
;
_entity_poly.pdbx_strand_id   A,B,C
#
# COMPACT_ATOMS: atom_id res chain seq x y z
N ALA A 1 3.78 44.07 19.86
CA ALA A 1 5.24 43.86 20.08
C ALA A 1 5.92 43.36 18.80
N GLY A 2 6.21 44.28 17.88
CA GLY A 2 6.86 43.93 16.63
C GLY A 2 6.02 43.00 15.79
N MET A 3 6.30 41.70 15.89
CA MET A 3 5.57 40.69 15.14
C MET A 3 5.05 39.65 16.14
N GLU A 4 4.77 40.12 17.35
CA GLU A 4 4.23 39.33 18.45
C GLU A 4 2.78 39.03 18.10
N LEU A 5 2.35 39.70 17.03
CA LEU A 5 1.01 39.60 16.49
C LEU A 5 0.79 38.22 15.84
N VAL A 6 1.87 37.66 15.26
CA VAL A 6 1.80 36.36 14.59
C VAL A 6 1.35 35.24 15.50
N GLY A 7 1.65 35.35 16.80
CA GLY A 7 1.22 34.33 17.75
C GLY A 7 -0.26 34.51 18.05
N TRP A 8 -0.68 35.77 18.10
CA TRP A 8 -2.07 36.10 18.37
C TRP A 8 -3.00 35.71 17.19
N LEU A 9 -2.64 36.13 15.98
CA LEU A 9 -3.41 35.81 14.79
C LEU A 9 -3.67 34.29 14.65
N VAL A 10 -2.63 33.50 14.89
CA VAL A 10 -2.70 32.05 14.85
C VAL A 10 -3.66 31.54 15.93
N ASP A 11 -3.57 32.12 17.11
CA ASP A 11 -4.43 31.71 18.21
C ASP A 11 -5.91 32.00 17.87
N LYS A 12 -6.18 33.18 17.32
CA LYS A 12 -7.54 33.59 16.96
C LYS A 12 -8.02 33.04 15.62
N GLY A 13 -7.09 32.56 14.81
CA GLY A 13 -7.45 32.01 13.51
C GLY A 13 -7.77 33.13 12.53
N ILE A 14 -7.11 34.27 12.65
CA ILE A 14 -7.39 35.39 11.76
C ILE A 14 -6.49 35.36 10.55
N THR A 15 -7.09 35.35 9.36
CA THR A 15 -6.29 35.30 8.13
C THR A 15 -6.39 36.51 7.22
N SER A 16 -7.07 37.57 7.63
CA SER A 16 -7.15 38.75 6.77
C SER A 16 -7.36 39.97 7.65
N GLU A 17 -6.87 41.12 7.20
CA GLU A 17 -7.00 42.35 7.95
C GLU A 17 -8.49 42.67 8.16
N LYS A 18 -9.27 42.50 7.09
CA LYS A 18 -10.70 42.75 7.15
C LYS A 18 -11.35 41.86 8.22
N GLN A 19 -11.01 40.58 8.23
CA GLN A 19 -11.58 39.69 9.23
C GLN A 19 -11.17 40.15 10.61
N TRP A 20 -9.93 40.58 10.73
CA TRP A 20 -9.39 41.06 12.00
C TRP A 20 -10.26 42.20 12.52
N ILE A 21 -10.49 43.19 11.67
CA ILE A 21 -11.32 44.33 12.03
C ILE A 21 -12.74 43.90 12.47
N GLN A 22 -13.39 43.11 11.61
CA GLN A 22 -14.76 42.66 11.87
C GLN A 22 -14.96 41.83 13.14
N GLU A 23 -13.99 40.98 13.48
CA GLU A 23 -14.14 40.18 14.68
C GLU A 23 -13.58 40.83 15.93
N ASP A 24 -12.62 41.74 15.79
CA ASP A 24 -12.04 42.38 16.96
C ASP A 24 -11.35 43.72 16.66
N GLN A 25 -12.16 44.67 16.20
CA GLN A 25 -11.70 46.01 15.87
C GLN A 25 -10.86 46.58 17.01
N ALA A 26 -11.39 46.47 18.22
CA ALA A 26 -10.69 46.99 19.38
C ALA A 26 -9.22 46.59 19.39
N SER A 27 -8.92 45.32 19.15
CA SER A 27 -7.53 44.87 19.15
C SER A 27 -6.77 45.42 17.96
N TYR A 28 -7.43 45.48 16.81
CA TYR A 28 -6.80 46.01 15.61
C TYR A 28 -6.27 47.41 15.93
N ILE A 29 -7.14 48.21 16.54
CA ILE A 29 -6.78 49.57 16.89
C ILE A 29 -5.70 49.56 17.95
N SER A 30 -5.81 48.63 18.89
CA SER A 30 -4.82 48.53 19.96
C SER A 30 -3.43 48.16 19.41
N PHE A 31 -3.33 47.11 18.61
CA PHE A 31 -2.02 46.76 18.08
C PHE A 31 -1.43 47.89 17.22
N ASN A 32 -2.25 48.56 16.42
CA ASN A 32 -1.75 49.65 15.57
C ASN A 32 -1.85 51.05 16.17
N ALA A 33 -2.00 51.13 17.48
CA ALA A 33 -2.12 52.41 18.18
C ALA A 33 -0.97 53.39 17.95
N ALA A 34 0.25 52.89 17.73
CA ALA A 34 1.37 53.81 17.50
C ALA A 34 2.03 53.60 16.14
N SER A 35 1.23 53.73 15.10
CA SER A 35 1.62 53.61 13.68
C SER A 35 0.93 52.40 13.07
N ASN A 36 0.49 52.56 11.84
CA ASN A 36 -0.17 51.48 11.11
C ASN A 36 0.80 51.12 10.00
N SER A 37 1.65 50.14 10.26
CA SER A 37 2.65 49.69 9.31
C SER A 37 2.11 48.74 8.27
N ARG A 38 1.90 49.25 7.07
CA ARG A 38 1.42 48.46 5.96
C ARG A 38 2.19 47.15 5.86
N SER A 39 3.50 47.27 5.68
CA SER A 39 4.40 46.13 5.54
C SER A 39 4.38 45.17 6.71
N GLN A 40 4.38 45.68 7.94
CA GLN A 40 4.37 44.77 9.09
C GLN A 40 3.07 43.96 9.15
N ILE A 41 1.94 44.65 9.03
CA ILE A 41 0.66 43.97 9.08
C ILE A 41 0.63 42.87 8.04
N LYS A 42 1.02 43.20 6.81
CA LYS A 42 0.98 42.20 5.75
C LYS A 42 1.81 40.94 6.02
N ALA A 43 3.04 41.11 6.52
CA ALA A 43 3.89 39.95 6.77
C ALA A 43 3.43 39.14 7.97
N ALA A 44 2.73 39.79 8.89
CA ALA A 44 2.25 39.06 10.07
C ALA A 44 1.12 38.14 9.60
N LEU A 45 0.15 38.72 8.90
CA LEU A 45 -0.98 37.98 8.38
C LEU A 45 -0.49 36.82 7.54
N ASP A 46 0.49 37.08 6.67
CA ASP A 46 1.04 36.01 5.84
C ASP A 46 1.74 34.92 6.64
N ASN A 47 2.62 35.30 7.56
CA ASN A 47 3.33 34.34 8.40
C ASN A 47 2.27 33.50 9.10
N ALA A 48 1.29 34.17 9.69
CA ALA A 48 0.20 33.46 10.33
C ALA A 48 -0.48 32.95 9.06
N GLY A 49 -1.26 31.89 9.12
CA GLY A 49 -1.85 31.50 7.84
C GLY A 49 -0.93 30.50 7.18
N LYS A 50 0.36 30.84 7.08
CA LYS A 50 1.31 29.87 6.54
C LYS A 50 1.45 28.90 7.72
N ILE A 51 1.60 29.46 8.90
CA ILE A 51 1.73 28.65 10.11
C ILE A 51 0.44 27.83 10.37
N MET A 52 -0.72 28.43 10.15
CA MET A 52 -1.98 27.73 10.37
C MET A 52 -2.24 26.65 9.31
N SER A 53 -2.19 27.03 8.04
CA SER A 53 -2.44 26.07 6.98
C SER A 53 -1.41 24.94 6.88
N LEU A 54 -0.17 25.18 7.29
CA LEU A 54 0.87 24.16 7.18
C LEU A 54 1.12 23.31 8.43
N THR A 55 0.73 23.79 9.60
CA THR A 55 0.99 22.99 10.80
C THR A 55 -0.13 22.94 11.85
N LYS A 56 -1.30 23.49 11.54
CA LYS A 56 -2.41 23.47 12.49
C LYS A 56 -3.54 22.60 11.99
N THR A 57 -4.48 22.27 12.88
CA THR A 57 -5.57 21.38 12.50
C THR A 57 -6.96 21.84 12.88
N ALA A 58 -7.97 21.16 12.34
CA ALA A 58 -9.37 21.47 12.60
C ALA A 58 -9.70 21.66 14.07
N PRO A 59 -9.29 20.72 14.93
CA PRO A 59 -9.59 20.88 16.36
C PRO A 59 -9.09 22.17 17.01
N ASP A 60 -7.95 22.69 16.57
CA ASP A 60 -7.42 23.92 17.16
C ASP A 60 -8.41 25.07 17.01
N TYR A 61 -9.36 24.94 16.07
CA TYR A 61 -10.34 26.00 15.89
C TYR A 61 -11.82 25.62 16.07
N LEU A 62 -12.16 24.36 15.80
CA LEU A 62 -13.55 23.93 15.94
C LEU A 62 -13.91 23.77 17.43
N VAL A 63 -12.93 23.39 18.24
CA VAL A 63 -13.16 23.18 19.67
C VAL A 63 -13.08 24.46 20.48
N GLY A 64 -14.23 25.05 20.78
CA GLY A 64 -14.25 26.27 21.55
C GLY A 64 -13.52 26.18 22.88
N GLN A 65 -12.82 27.26 23.23
CA GLN A 65 -12.04 27.31 24.48
C GLN A 65 -12.86 27.77 25.68
N GLN A 66 -14.15 28.01 25.48
CA GLN A 66 -15.01 28.47 26.56
C GLN A 66 -15.99 27.39 27.02
N PRO A 67 -16.26 27.34 28.33
CA PRO A 67 -17.19 26.35 28.89
C PRO A 67 -18.57 26.59 28.28
N VAL A 68 -19.33 25.51 28.07
CA VAL A 68 -20.66 25.61 27.49
C VAL A 68 -21.75 25.46 28.54
N GLU A 69 -22.44 26.56 28.85
CA GLU A 69 -23.49 26.55 29.86
C GLU A 69 -24.71 25.71 29.46
N ASP A 70 -25.51 26.23 28.54
CA ASP A 70 -26.71 25.51 28.09
C ASP A 70 -26.62 25.15 26.61
N ILE A 71 -26.39 23.88 26.32
CA ILE A 71 -26.27 23.42 24.94
C ILE A 71 -27.64 23.18 24.28
N SER A 72 -28.68 23.06 25.10
CA SER A 72 -30.04 22.79 24.63
C SER A 72 -30.59 23.74 23.59
N SER A 73 -30.05 24.95 23.53
CA SER A 73 -30.53 25.92 22.55
C SER A 73 -29.62 25.99 21.34
N ASN A 74 -28.54 25.21 21.35
CA ASN A 74 -27.59 25.17 20.24
C ASN A 74 -28.25 24.56 19.01
N ARG A 75 -28.33 25.33 17.93
CA ARG A 75 -28.96 24.88 16.67
C ARG A 75 -28.49 23.53 16.10
N ILE A 76 -27.26 23.10 16.41
CA ILE A 76 -26.79 21.81 15.90
C ILE A 76 -27.31 20.71 16.84
N TYR A 77 -27.39 21.05 18.11
CA TYR A 77 -27.89 20.15 19.13
C TYR A 77 -29.37 19.89 18.81
N LYS A 78 -30.10 20.96 18.49
CA LYS A 78 -31.52 20.85 18.18
C LYS A 78 -31.79 19.95 17.00
N ILE A 79 -31.33 20.37 15.83
CA ILE A 79 -31.51 19.62 14.61
C ILE A 79 -31.16 18.13 14.69
N LEU A 80 -30.20 17.77 15.52
CA LEU A 80 -29.83 16.36 15.66
C LEU A 80 -30.93 15.63 16.42
N GLU A 81 -31.31 16.20 17.56
CA GLU A 81 -32.36 15.63 18.39
C GLU A 81 -33.65 15.54 17.59
N LEU A 82 -33.98 16.65 16.93
CA LEU A 82 -35.17 16.73 16.10
C LEU A 82 -35.34 15.54 15.17
N ASN A 83 -34.25 15.17 14.50
CA ASN A 83 -34.28 14.06 13.56
C ASN A 83 -34.08 12.68 14.21
N GLY A 84 -34.16 12.63 15.53
CA GLY A 84 -34.02 11.36 16.22
C GLY A 84 -32.67 10.84 16.65
N TYR A 85 -31.65 11.70 16.68
CA TYR A 85 -30.32 11.25 17.10
C TYR A 85 -30.00 11.64 18.54
N ASP A 86 -29.24 10.80 19.23
CA ASP A 86 -28.87 11.17 20.58
C ASP A 86 -27.76 12.22 20.41
N PRO A 87 -28.05 13.48 20.74
CA PRO A 87 -27.14 14.62 20.65
C PRO A 87 -25.71 14.35 21.11
N GLN A 88 -25.58 13.83 22.32
CA GLN A 88 -24.27 13.50 22.90
C GLN A 88 -23.54 12.39 22.13
N TYR A 89 -24.32 11.53 21.48
CA TYR A 89 -23.75 10.44 20.70
C TYR A 89 -23.29 10.98 19.35
N ALA A 90 -24.18 11.73 18.71
CA ALA A 90 -23.89 12.33 17.43
C ALA A 90 -22.66 13.23 17.60
N ALA A 91 -22.65 14.01 18.67
CA ALA A 91 -21.55 14.91 18.96
C ALA A 91 -20.20 14.20 18.97
N SER A 92 -20.15 13.03 19.60
CA SER A 92 -18.92 12.27 19.66
C SER A 92 -18.41 11.86 18.29
N VAL A 93 -19.29 11.45 17.38
CA VAL A 93 -18.78 11.09 16.07
C VAL A 93 -18.20 12.36 15.41
N PHE A 94 -18.89 13.49 15.56
CA PHE A 94 -18.37 14.73 14.97
C PHE A 94 -16.99 15.06 15.55
N LEU A 95 -16.85 14.95 16.86
CA LEU A 95 -15.56 15.25 17.49
C LEU A 95 -14.47 14.29 16.99
N GLY A 96 -14.80 13.01 16.92
CA GLY A 96 -13.84 12.03 16.44
C GLY A 96 -13.52 12.27 14.96
N TRP A 97 -14.52 12.71 14.21
CA TRP A 97 -14.35 13.00 12.80
C TRP A 97 -13.36 14.14 12.65
N ALA A 98 -13.60 15.22 13.39
CA ALA A 98 -12.74 16.39 13.35
C ALA A 98 -11.30 16.05 13.79
N THR A 99 -11.18 14.99 14.55
CA THR A 99 -9.92 14.54 15.11
C THR A 99 -9.17 13.43 14.37
N LYS A 100 -9.78 12.89 13.30
CA LYS A 100 -9.16 11.81 12.52
C LYS A 100 -8.97 10.61 13.41
N LYS A 101 -9.95 10.41 14.28
CA LYS A 101 -9.95 9.32 15.25
C LYS A 101 -10.40 7.97 14.70
N PHE A 102 -11.27 7.99 13.69
CA PHE A 102 -11.79 6.74 13.15
C PHE A 102 -11.16 6.26 11.84
N GLY A 103 -9.90 6.63 11.62
CA GLY A 103 -9.15 6.27 10.42
C GLY A 103 -9.87 5.49 9.36
N LYS A 104 -10.04 6.07 8.18
CA LYS A 104 -10.74 5.47 7.03
C LYS A 104 -12.13 6.10 7.01
N ARG A 105 -12.79 6.04 8.14
CA ARG A 105 -14.12 6.63 8.29
C ARG A 105 -13.76 8.06 8.64
N ASN A 106 -13.33 8.79 7.62
CA ASN A 106 -12.87 10.17 7.76
C ASN A 106 -13.87 11.15 7.12
N THR A 107 -15.06 10.66 6.79
CA THR A 107 -16.10 11.49 6.19
C THR A 107 -17.45 11.41 6.90
N ILE A 108 -18.11 12.58 7.02
CA ILE A 108 -19.44 12.64 7.63
C ILE A 108 -20.38 13.09 6.52
N TRP A 109 -21.44 12.33 6.30
CA TRP A 109 -22.41 12.65 5.26
C TRP A 109 -23.76 13.05 5.84
N LEU A 110 -24.24 14.24 5.48
CA LEU A 110 -25.55 14.70 5.95
C LEU A 110 -26.49 14.59 4.75
N PHE A 111 -27.30 13.53 4.74
CA PHE A 111 -28.23 13.25 3.67
C PHE A 111 -29.63 13.73 4.03
N GLY A 112 -30.33 14.31 3.06
CA GLY A 112 -31.68 14.78 3.33
C GLY A 112 -32.14 15.92 2.43
N PRO A 113 -33.39 16.39 2.62
CA PRO A 113 -33.94 17.48 1.82
C PRO A 113 -33.21 18.83 1.94
N ALA A 114 -33.60 19.76 1.07
CA ALA A 114 -33.00 21.10 0.97
C ALA A 114 -33.16 22.05 2.15
N THR A 115 -34.18 21.84 2.99
CA THR A 115 -34.40 22.72 4.14
C THR A 115 -34.28 21.95 5.45
N THR A 116 -33.53 20.86 5.42
CA THR A 116 -33.38 20.09 6.64
C THR A 116 -32.15 20.52 7.45
N GLY A 117 -31.47 21.56 6.99
CA GLY A 117 -30.33 22.08 7.71
C GLY A 117 -28.99 21.40 7.53
N LYS A 118 -28.88 20.49 6.56
CA LYS A 118 -27.61 19.80 6.34
C LYS A 118 -26.58 20.81 5.85
N THR A 119 -26.98 21.62 4.89
CA THR A 119 -26.12 22.64 4.32
C THR A 119 -25.82 23.73 5.36
N ASN A 120 -26.78 23.94 6.26
CA ASN A 120 -26.64 24.93 7.31
C ASN A 120 -25.52 24.53 8.28
N ILE A 121 -25.46 23.27 8.66
CA ILE A 121 -24.41 22.80 9.57
C ILE A 121 -23.06 22.77 8.87
N ALA A 122 -23.00 22.12 7.72
CA ALA A 122 -21.76 21.99 6.98
C ALA A 122 -21.09 23.33 6.73
N GLU A 123 -21.85 24.31 6.28
CA GLU A 123 -21.27 25.60 5.99
C GLU A 123 -20.74 26.30 7.25
N ALA A 124 -21.47 26.19 8.36
CA ALA A 124 -21.00 26.84 9.58
C ALA A 124 -19.64 26.24 10.03
N ILE A 125 -19.49 24.93 9.89
CA ILE A 125 -18.25 24.27 10.27
C ILE A 125 -17.09 24.67 9.37
N ALA A 126 -17.30 24.67 8.06
CA ALA A 126 -16.26 25.01 7.10
C ALA A 126 -15.75 26.43 7.32
N HIS A 127 -16.67 27.32 7.66
CA HIS A 127 -16.32 28.71 7.88
C HIS A 127 -15.72 29.00 9.26
N THR A 128 -15.89 28.08 10.19
CA THR A 128 -15.35 28.24 11.53
C THR A 128 -13.83 28.01 11.51
N VAL A 129 -13.36 27.22 10.55
CA VAL A 129 -11.96 26.92 10.46
C VAL A 129 -11.25 27.97 9.57
N PRO A 130 -9.95 28.20 9.81
CA PRO A 130 -9.15 29.19 9.06
C PRO A 130 -9.02 28.87 7.55
N PHE A 131 -8.86 27.59 7.21
CA PHE A 131 -8.76 27.21 5.79
C PHE A 131 -9.62 25.98 5.49
N TYR A 132 -10.49 26.08 4.49
CA TYR A 132 -11.33 24.93 4.13
C TYR A 132 -11.35 24.81 2.62
N GLY A 133 -11.59 23.61 2.12
CA GLY A 133 -11.63 23.42 0.69
C GLY A 133 -13.02 23.04 0.22
N CYS A 134 -13.38 23.44 -0.99
CA CYS A 134 -14.67 23.10 -1.55
C CYS A 134 -14.41 22.23 -2.77
N VAL A 135 -14.96 21.01 -2.78
CA VAL A 135 -14.76 20.13 -3.92
C VAL A 135 -15.69 20.63 -5.03
N ASN A 136 -15.10 21.30 -6.02
CA ASN A 136 -15.87 21.87 -7.12
C ASN A 136 -16.67 20.85 -7.94
N TRP A 137 -16.00 20.28 -8.93
CA TRP A 137 -16.54 19.30 -9.87
C TRP A 137 -17.04 19.98 -11.14
N THR A 138 -16.95 21.31 -11.16
CA THR A 138 -17.30 22.10 -12.32
C THR A 138 -16.09 21.87 -13.23
N ASN A 139 -14.98 21.59 -12.57
CA ASN A 139 -13.72 21.31 -13.21
C ASN A 139 -13.50 19.80 -13.17
N GLU A 140 -14.44 19.06 -13.76
CA GLU A 140 -14.37 17.60 -13.79
C GLU A 140 -12.95 17.07 -13.98
N ASN A 141 -12.08 17.92 -14.52
CA ASN A 141 -10.69 17.55 -14.73
C ASN A 141 -9.97 17.49 -13.38
N PHE A 142 -9.94 18.62 -12.68
CA PHE A 142 -9.29 18.70 -11.37
C PHE A 142 -10.29 19.13 -10.29
N PRO A 143 -11.26 18.27 -9.94
CA PRO A 143 -12.27 18.60 -8.92
C PRO A 143 -11.72 18.88 -7.53
N PHE A 144 -10.48 18.46 -7.27
CA PHE A 144 -9.87 18.67 -5.96
C PHE A 144 -8.78 19.75 -5.97
N ASN A 145 -8.86 20.66 -6.93
CA ASN A 145 -7.89 21.75 -7.05
C ASN A 145 -7.87 22.63 -5.81
N ASP A 146 -9.00 22.72 -5.12
CA ASP A 146 -9.06 23.57 -3.95
C ASP A 146 -8.93 22.81 -2.63
N CYS A 147 -8.39 21.59 -2.69
CA CYS A 147 -8.27 20.78 -1.49
C CYS A 147 -6.91 20.61 -0.84
N VAL A 148 -5.91 21.37 -1.26
CA VAL A 148 -4.60 21.24 -0.67
C VAL A 148 -4.42 22.14 0.55
N ASP A 149 -3.79 21.57 1.58
CA ASP A 149 -3.55 22.28 2.83
C ASP A 149 -4.78 22.93 3.46
N LYS A 150 -5.87 22.17 3.60
CA LYS A 150 -7.07 22.69 4.22
C LYS A 150 -7.32 21.91 5.50
N MET A 151 -8.10 22.47 6.41
CA MET A 151 -8.38 21.79 7.66
C MET A 151 -9.69 20.99 7.56
N VAL A 152 -10.51 21.33 6.58
CA VAL A 152 -11.77 20.64 6.37
C VAL A 152 -12.08 20.68 4.88
N ILE A 153 -12.75 19.65 4.38
CA ILE A 153 -13.14 19.64 2.97
C ILE A 153 -14.65 19.48 2.91
N TRP A 154 -15.31 20.44 2.27
CA TRP A 154 -16.75 20.39 2.15
C TRP A 154 -17.15 20.01 0.72
N TRP A 155 -17.78 18.84 0.62
CA TRP A 155 -18.27 18.25 -0.62
C TRP A 155 -19.75 18.64 -0.68
N GLU A 156 -20.04 19.78 -1.29
CA GLU A 156 -21.40 20.30 -1.34
C GLU A 156 -22.36 19.74 -2.39
N GLU A 157 -21.87 19.34 -3.55
CA GLU A 157 -22.81 18.82 -4.55
C GLU A 157 -22.13 18.15 -5.72
N GLY A 158 -22.92 17.47 -6.52
CA GLY A 158 -22.41 16.78 -7.69
C GLY A 158 -22.26 15.30 -7.43
N LYS A 159 -21.65 14.60 -8.39
CA LYS A 159 -21.47 13.17 -8.24
C LYS A 159 -20.11 12.79 -8.77
N MET A 160 -19.45 11.89 -8.04
CA MET A 160 -18.14 11.39 -8.43
C MET A 160 -18.25 10.71 -9.77
N THR A 161 -17.11 10.58 -10.44
CA THR A 161 -17.06 9.94 -11.74
C THR A 161 -15.98 8.85 -11.70
N ALA A 162 -16.07 7.92 -12.64
CA ALA A 162 -15.11 6.81 -12.70
C ALA A 162 -13.66 7.25 -12.74
N LYS A 163 -13.40 8.36 -13.40
CA LYS A 163 -12.03 8.86 -13.54
C LYS A 163 -11.48 9.51 -12.28
N VAL A 164 -12.38 9.92 -11.38
CA VAL A 164 -12.00 10.61 -10.14
C VAL A 164 -12.15 9.78 -8.87
N VAL A 165 -13.00 8.76 -8.92
CA VAL A 165 -13.29 7.94 -7.74
C VAL A 165 -12.09 7.39 -6.96
N GLU A 166 -11.05 6.94 -7.64
CA GLU A 166 -9.90 6.41 -6.92
C GLU A 166 -9.29 7.48 -6.02
N SER A 167 -9.17 8.70 -6.53
CA SER A 167 -8.64 9.80 -5.73
C SER A 167 -9.66 10.16 -4.63
N ALA A 168 -10.95 10.17 -5.01
CA ALA A 168 -12.02 10.49 -4.10
C ALA A 168 -12.04 9.59 -2.89
N LYS A 169 -11.84 8.30 -3.14
CA LYS A 169 -11.83 7.35 -2.05
C LYS A 169 -10.68 7.62 -1.08
N ALA A 170 -9.55 8.09 -1.60
CA ALA A 170 -8.41 8.36 -0.73
C ALA A 170 -8.66 9.57 0.17
N ILE A 171 -9.17 10.65 -0.40
CA ILE A 171 -9.46 11.84 0.39
C ILE A 171 -10.57 11.49 1.40
N LEU A 172 -11.68 10.94 0.90
CA LEU A 172 -12.79 10.55 1.76
C LEU A 172 -12.32 9.57 2.86
N GLY A 173 -11.35 8.71 2.53
CA GLY A 173 -10.84 7.74 3.50
C GLY A 173 -9.73 8.28 4.38
N GLY A 174 -9.24 9.49 4.09
CA GLY A 174 -8.18 10.04 4.88
C GLY A 174 -6.81 9.44 4.59
N SER A 175 -6.52 9.18 3.32
CA SER A 175 -5.22 8.62 2.91
C SER A 175 -4.53 9.64 2.02
N LYS A 176 -3.23 9.85 2.24
CA LYS A 176 -2.46 10.81 1.44
C LYS A 176 -2.48 10.41 -0.02
N VAL A 177 -2.78 11.38 -0.89
CA VAL A 177 -2.82 11.12 -2.32
C VAL A 177 -2.23 12.27 -3.11
N ARG A 178 -1.73 11.96 -4.29
CA ARG A 178 -1.18 12.97 -5.17
C ARG A 178 -2.19 13.07 -6.31
N VAL A 179 -2.58 14.29 -6.65
CA VAL A 179 -3.54 14.49 -7.73
C VAL A 179 -2.86 15.13 -8.93
N ASP A 180 -2.44 14.28 -9.87
CA ASP A 180 -1.73 14.72 -11.07
C ASP A 180 -2.37 15.85 -11.87
N GLN A 181 -1.59 16.92 -12.07
CA GLN A 181 -2.03 18.07 -12.83
C GLN A 181 -1.02 18.22 -13.97
N LYS A 182 -0.90 17.15 -14.75
CA LYS A 182 0.02 17.10 -15.87
C LYS A 182 1.34 17.84 -15.63
N CYS A 183 1.87 18.46 -16.68
CA CYS A 183 3.12 19.20 -16.59
C CYS A 183 3.22 20.04 -15.32
N LYS A 184 2.40 21.09 -15.24
CA LYS A 184 2.38 22.01 -14.10
C LYS A 184 2.97 21.40 -12.81
N SER A 185 2.12 20.74 -12.02
CA SER A 185 2.58 20.13 -10.76
C SER A 185 1.56 19.17 -10.13
N SER A 186 2.07 18.07 -9.60
CA SER A 186 1.24 17.07 -8.93
C SER A 186 1.04 17.48 -7.47
N ALA A 187 -0.17 17.95 -7.15
CA ALA A 187 -0.49 18.41 -5.80
C ALA A 187 -0.75 17.26 -4.81
N GLN A 188 -0.34 17.45 -3.57
CA GLN A 188 -0.54 16.44 -2.55
C GLN A 188 -1.57 16.86 -1.49
N ILE A 189 -2.60 16.04 -1.34
CA ILE A 189 -3.65 16.31 -0.38
C ILE A 189 -3.46 15.42 0.83
N ASP A 190 -3.16 16.01 1.98
CA ASP A 190 -2.98 15.25 3.20
C ASP A 190 -4.32 14.90 3.83
N PRO A 191 -4.33 13.88 4.72
CA PRO A 191 -5.57 13.45 5.39
C PRO A 191 -6.34 14.65 5.91
N THR A 192 -7.59 14.80 5.46
CA THR A 192 -8.41 15.94 5.82
C THR A 192 -9.87 15.52 6.05
N PRO A 193 -10.42 15.81 7.25
CA PRO A 193 -11.81 15.46 7.56
C PRO A 193 -12.70 16.04 6.47
N VAL A 194 -13.52 15.20 5.85
CA VAL A 194 -14.39 15.64 4.78
C VAL A 194 -15.86 15.57 5.21
N ILE A 195 -16.63 16.60 4.90
CA ILE A 195 -18.04 16.57 5.22
C ILE A 195 -18.81 16.69 3.91
N VAL A 196 -19.73 15.76 3.70
CA VAL A 196 -20.55 15.71 2.50
C VAL A 196 -21.99 16.14 2.76
N THR A 197 -22.55 16.83 1.79
CA THR A 197 -23.90 17.33 1.86
C THR A 197 -24.65 17.01 0.55
N SER A 198 -25.73 16.23 0.65
CA SER A 198 -26.53 15.85 -0.54
C SER A 198 -27.95 15.36 -0.21
N ASN A 199 -28.77 15.34 -1.25
CA ASN A 199 -30.15 14.86 -1.17
C ASN A 199 -30.23 13.62 -2.06
N THR A 200 -29.12 13.34 -2.74
CA THR A 200 -29.02 12.18 -3.62
C THR A 200 -28.07 11.14 -3.01
N ASN A 201 -27.93 9.99 -3.67
CA ASN A 201 -27.06 8.95 -3.18
C ASN A 201 -25.64 9.20 -3.67
N MET A 202 -24.78 9.50 -2.70
CA MET A 202 -23.38 9.82 -2.93
C MET A 202 -22.53 8.62 -3.33
N CYS A 203 -23.05 7.41 -3.19
CA CYS A 203 -22.27 6.23 -3.53
C CYS A 203 -22.40 5.86 -4.99
N ALA A 204 -23.29 6.54 -5.70
CA ALA A 204 -23.54 6.28 -7.12
C ALA A 204 -22.53 7.06 -7.98
N VAL A 205 -21.64 6.31 -8.62
CA VAL A 205 -20.61 6.88 -9.46
C VAL A 205 -20.95 6.93 -10.94
N ILE A 206 -20.81 8.10 -11.53
CA ILE A 206 -21.09 8.25 -12.95
C ILE A 206 -19.90 7.80 -13.79
N ASP A 207 -20.18 6.94 -14.75
CA ASP A 207 -19.17 6.41 -15.66
C ASP A 207 -19.72 6.49 -17.09
N GLY A 208 -19.79 7.72 -17.61
CA GLY A 208 -20.30 7.94 -18.96
C GLY A 208 -21.81 8.02 -18.99
N ASN A 209 -22.44 7.10 -19.73
CA ASN A 209 -23.89 7.06 -19.84
C ASN A 209 -24.51 5.98 -18.96
N SER A 210 -23.81 5.61 -17.90
CA SER A 210 -24.29 4.61 -16.97
C SER A 210 -23.81 4.98 -15.59
N THR A 211 -24.54 4.58 -14.56
CA THR A 211 -24.12 4.87 -13.19
C THR A 211 -23.85 3.52 -12.55
N THR A 212 -22.90 3.47 -11.62
CA THR A 212 -22.54 2.21 -10.97
C THR A 212 -22.41 2.27 -9.46
N PHE A 213 -22.81 1.18 -8.81
CA PHE A 213 -22.74 1.05 -7.37
C PHE A 213 -21.60 0.11 -6.98
N GLU A 214 -20.76 -0.21 -7.97
CA GLU A 214 -19.60 -1.06 -7.81
C GLU A 214 -18.66 -0.57 -6.69
N HIS A 215 -18.66 0.73 -6.45
CA HIS A 215 -17.80 1.31 -5.42
C HIS A 215 -18.58 1.60 -4.15
N GLN A 216 -19.86 1.25 -4.12
CA GLN A 216 -20.67 1.54 -2.95
C GLN A 216 -20.16 1.08 -1.60
N GLN A 217 -19.74 -0.17 -1.49
CA GLN A 217 -19.27 -0.65 -0.20
C GLN A 217 -17.99 0.02 0.24
N PRO A 218 -17.03 0.22 -0.69
CA PRO A 218 -15.78 0.87 -0.32
C PRO A 218 -16.05 2.32 0.13
N LEU A 219 -16.99 2.98 -0.54
CA LEU A 219 -17.37 4.36 -0.22
C LEU A 219 -18.07 4.43 1.12
N GLN A 220 -18.90 3.43 1.39
CA GLN A 220 -19.63 3.35 2.64
C GLN A 220 -18.72 3.10 3.82
N ASP A 221 -17.60 2.41 3.60
CA ASP A 221 -16.66 2.15 4.71
C ASP A 221 -15.94 3.40 5.18
N ARG A 222 -16.00 4.49 4.42
CA ARG A 222 -15.31 5.69 4.82
C ARG A 222 -16.23 6.80 5.32
N MET A 223 -17.50 6.47 5.57
CA MET A 223 -18.45 7.49 6.01
C MET A 223 -19.31 7.16 7.22
N PHE A 224 -19.82 8.22 7.84
CA PHE A 224 -20.73 8.13 8.97
C PHE A 224 -21.93 8.80 8.32
N LYS A 225 -23.04 8.10 8.15
CA LYS A 225 -24.19 8.74 7.53
C LYS A 225 -25.27 9.18 8.51
N PHE A 226 -25.79 10.38 8.28
CA PHE A 226 -26.87 10.95 9.08
C PHE A 226 -28.00 11.19 8.12
N GLU A 227 -29.21 11.03 8.59
CA GLU A 227 -30.40 11.24 7.76
C GLU A 227 -31.20 12.37 8.42
N LEU A 228 -31.44 13.44 7.67
CA LEU A 228 -32.19 14.57 8.21
C LEU A 228 -33.45 14.75 7.38
N THR A 229 -34.61 14.64 8.05
CA THR A 229 -35.89 14.76 7.37
C THR A 229 -36.79 15.89 7.85
N ARG A 230 -36.73 16.23 9.13
CA ARG A 230 -37.60 17.28 9.63
C ARG A 230 -37.33 18.66 9.02
N ARG A 231 -38.27 19.15 8.21
CA ARG A 231 -38.15 20.46 7.59
C ARG A 231 -38.16 21.48 8.71
N LEU A 232 -37.14 22.34 8.74
CA LEU A 232 -37.01 23.34 9.78
C LEU A 232 -37.78 24.63 9.54
N ASP A 233 -37.64 25.17 8.32
CA ASP A 233 -38.30 26.41 7.92
C ASP A 233 -37.72 27.67 8.53
N HIS A 234 -38.03 28.81 7.92
CA HIS A 234 -37.54 30.10 8.36
C HIS A 234 -37.81 30.38 9.83
N ASP A 235 -36.93 31.20 10.41
CA ASP A 235 -36.96 31.61 11.81
C ASP A 235 -36.06 30.72 12.66
N PHE A 236 -35.71 29.55 12.14
CA PHE A 236 -34.83 28.66 12.89
C PHE A 236 -33.49 29.36 12.92
N GLY A 237 -33.16 30.01 11.82
CA GLY A 237 -31.90 30.74 11.75
C GLY A 237 -30.71 29.89 11.34
N LYS A 238 -29.59 30.54 11.10
CA LYS A 238 -28.39 29.85 10.69
C LYS A 238 -27.54 29.53 11.92
N VAL A 239 -26.97 28.33 11.95
CA VAL A 239 -26.14 27.96 13.09
C VAL A 239 -24.93 28.84 12.90
N THR A 240 -24.39 29.38 14.00
CA THR A 240 -23.25 30.28 13.93
C THR A 240 -21.93 29.58 14.23
N LYS A 241 -20.86 30.30 13.94
CA LYS A 241 -19.52 29.78 14.18
C LYS A 241 -19.37 29.57 15.69
N GLN A 242 -19.96 30.46 16.47
CA GLN A 242 -19.89 30.32 17.92
C GLN A 242 -20.61 29.04 18.33
N GLU A 243 -21.72 28.76 17.66
CA GLU A 243 -22.50 27.55 17.94
C GLU A 243 -21.70 26.32 17.52
N VAL A 244 -20.86 26.49 16.50
CA VAL A 244 -20.01 25.40 16.04
C VAL A 244 -19.01 25.13 17.16
N LYS A 245 -18.39 26.21 17.65
CA LYS A 245 -17.40 26.13 18.72
C LYS A 245 -17.91 25.49 19.99
N ASP A 246 -19.14 25.82 20.40
CA ASP A 246 -19.70 25.25 21.62
C ASP A 246 -20.03 23.76 21.47
N PHE A 247 -20.62 23.40 20.33
CA PHE A 247 -20.99 22.02 20.07
C PHE A 247 -19.78 21.09 20.24
N PHE A 248 -18.67 21.44 19.59
CA PHE A 248 -17.47 20.63 19.69
C PHE A 248 -16.86 20.64 21.09
N ARG A 249 -17.05 21.73 21.83
CA ARG A 249 -16.50 21.80 23.19
C ARG A 249 -17.34 20.89 24.08
N TRP A 250 -18.64 20.95 23.86
CA TRP A 250 -19.61 20.15 24.60
C TRP A 250 -19.37 18.67 24.28
N ALA A 251 -19.09 18.39 23.02
CA ALA A 251 -18.83 17.03 22.57
C ALA A 251 -17.57 16.48 23.27
N LYS A 252 -16.59 17.35 23.49
CA LYS A 252 -15.35 16.94 24.16
C LYS A 252 -15.54 16.75 25.67
N ASP A 253 -16.40 17.54 26.29
CA ASP A 253 -16.64 17.42 27.73
C ASP A 253 -17.61 16.32 28.10
N HIS A 254 -18.23 15.71 27.10
CA HIS A 254 -19.20 14.65 27.35
C HIS A 254 -19.02 13.53 26.32
N VAL A 255 -17.78 13.12 26.09
CA VAL A 255 -17.46 12.09 25.11
C VAL A 255 -17.87 10.65 25.45
N VAL A 256 -18.65 10.04 24.57
CA VAL A 256 -19.09 8.65 24.76
C VAL A 256 -18.51 7.80 23.65
N GLU A 257 -18.48 6.49 23.87
CA GLU A 257 -17.95 5.55 22.88
C GLU A 257 -18.83 5.57 21.63
N VAL A 258 -18.19 5.55 20.46
CA VAL A 258 -18.90 5.58 19.19
C VAL A 258 -18.82 4.25 18.46
N GLU A 259 -19.91 3.85 17.83
CA GLU A 259 -19.94 2.61 17.07
C GLU A 259 -19.39 2.87 15.68
N HIS A 260 -18.30 2.19 15.32
CA HIS A 260 -17.64 2.36 14.02
C HIS A 260 -18.45 1.76 12.87
N GLU A 261 -19.53 2.43 12.46
CA GLU A 261 -20.39 1.94 11.39
C GLU A 261 -20.95 3.04 10.47
N PHE A 262 -21.34 2.63 9.25
CA PHE A 262 -21.89 3.54 8.26
C PHE A 262 -23.14 4.29 8.75
N TYR A 263 -24.22 3.57 9.06
CA TYR A 263 -25.43 4.24 9.55
C TYR A 263 -25.25 4.64 11.01
N VAL A 264 -25.46 5.92 11.32
CA VAL A 264 -25.33 6.36 12.70
C VAL A 264 -26.63 5.90 13.39
N LYS A 265 -26.53 5.33 14.58
CA LYS A 265 -27.73 4.87 15.27
C LYS A 265 -28.52 6.04 15.83
N LYS A 266 -29.77 5.78 16.20
CA LYS A 266 -30.64 6.82 16.73
C LYS A 266 -31.04 6.57 18.17
N GLY A 267 -30.64 5.43 18.71
CA GLY A 267 -30.99 5.11 20.09
C GLY A 267 -30.65 6.21 21.06
N GLY A 268 -31.06 6.04 22.32
CA GLY A 268 -30.78 7.02 23.35
C GLY A 268 -31.99 7.85 23.74
N GLY B 2 21.64 34.17 1.08
CA GLY B 2 21.26 32.79 0.69
C GLY B 2 22.27 31.74 1.15
N MET B 3 23.55 32.08 1.07
CA MET B 3 24.63 31.17 1.46
C MET B 3 24.49 30.49 2.82
N GLU B 4 24.49 31.29 3.88
CA GLU B 4 24.39 30.78 5.24
C GLU B 4 23.08 30.01 5.48
N LEU B 5 22.01 30.48 4.82
CA LEU B 5 20.71 29.83 4.98
C LEU B 5 20.67 28.43 4.39
N VAL B 6 21.10 28.27 3.15
CA VAL B 6 21.11 26.96 2.50
C VAL B 6 21.91 25.98 3.35
N GLY B 7 23.05 26.45 3.88
CA GLY B 7 23.86 25.60 4.74
C GLY B 7 23.08 25.11 5.95
N TRP B 8 22.36 26.03 6.59
CA TRP B 8 21.55 25.71 7.76
C TRP B 8 20.42 24.75 7.34
N LEU B 9 19.75 25.08 6.24
CA LEU B 9 18.67 24.23 5.77
C LEU B 9 19.17 22.81 5.56
N VAL B 10 20.33 22.68 4.91
CA VAL B 10 20.88 21.35 4.65
C VAL B 10 21.27 20.66 5.94
N ASP B 11 21.89 21.42 6.86
CA ASP B 11 22.27 20.84 8.13
C ASP B 11 21.05 20.41 8.92
N LYS B 12 19.96 21.16 8.81
CA LYS B 12 18.77 20.80 9.55
C LYS B 12 17.84 19.82 8.86
N GLY B 13 18.04 19.59 7.57
CA GLY B 13 17.19 18.67 6.83
C GLY B 13 15.84 19.30 6.47
N ILE B 14 15.85 20.62 6.26
CA ILE B 14 14.64 21.36 5.93
C ILE B 14 14.44 21.52 4.43
N THR B 15 13.37 20.91 3.97
CA THR B 15 12.97 20.86 2.57
C THR B 15 11.83 21.82 2.17
N SER B 16 10.92 22.08 3.11
CA SER B 16 9.77 22.92 2.81
C SER B 16 9.49 23.92 3.93
N GLU B 17 8.56 24.85 3.67
CA GLU B 17 8.22 25.83 4.68
C GLU B 17 7.61 25.12 5.88
N LYS B 18 6.87 24.05 5.62
CA LYS B 18 6.27 23.28 6.69
C LYS B 18 7.34 22.72 7.65
N GLN B 19 8.35 22.04 7.12
CA GLN B 19 9.40 21.50 7.99
C GLN B 19 10.18 22.64 8.65
N TRP B 20 10.34 23.74 7.93
CA TRP B 20 11.04 24.88 8.50
C TRP B 20 10.29 25.38 9.75
N ILE B 21 8.96 25.52 9.64
CA ILE B 21 8.15 25.99 10.76
C ILE B 21 8.17 25.02 11.93
N GLN B 22 8.25 23.73 11.62
CA GLN B 22 8.26 22.69 12.65
C GLN B 22 9.57 22.65 13.45
N GLU B 23 10.67 23.04 12.81
CA GLU B 23 11.99 23.03 13.45
C GLU B 23 12.30 24.34 14.16
N ASP B 24 11.92 25.47 13.57
CA ASP B 24 12.23 26.76 14.16
C ASP B 24 11.31 27.87 13.65
N GLN B 25 10.17 28.00 14.31
CA GLN B 25 9.19 29.00 13.93
C GLN B 25 9.73 30.41 13.91
N ALA B 26 10.53 30.79 14.92
CA ALA B 26 11.03 32.15 14.97
C ALA B 26 11.94 32.42 13.78
N SER B 27 12.69 31.39 13.39
CA SER B 27 13.60 31.50 12.26
C SER B 27 12.78 31.76 11.03
N TYR B 28 11.72 30.97 10.87
CA TYR B 28 10.84 31.12 9.73
C TYR B 28 10.21 32.52 9.72
N ILE B 29 9.71 32.95 10.87
CA ILE B 29 9.09 34.26 10.95
C ILE B 29 10.08 35.38 10.60
N SER B 30 11.25 35.35 11.21
CA SER B 30 12.27 36.35 10.94
C SER B 30 12.59 36.43 9.46
N PHE B 31 12.87 35.28 8.86
CA PHE B 31 13.22 35.27 7.45
C PHE B 31 12.16 35.74 6.50
N ASN B 32 10.92 35.80 6.95
CA ASN B 32 9.84 36.22 6.07
C ASN B 32 9.19 37.56 6.43
N ALA B 33 10.01 38.61 6.47
CA ALA B 33 9.52 39.95 6.77
C ALA B 33 9.18 40.62 5.45
N ALA B 34 9.18 39.81 4.39
CA ALA B 34 8.86 40.25 3.03
C ALA B 34 10.06 40.81 2.27
N SER B 35 11.18 40.11 2.36
CA SER B 35 12.39 40.51 1.65
C SER B 35 12.66 39.40 0.63
N ASN B 36 11.78 39.30 -0.35
CA ASN B 36 11.85 38.28 -1.39
C ASN B 36 11.34 36.98 -0.75
N SER B 37 10.48 37.16 0.26
CA SER B 37 9.90 36.05 1.02
C SER B 37 8.96 35.18 0.19
N ARG B 38 9.34 34.98 -1.07
CA ARG B 38 8.57 34.16 -2.00
C ARG B 38 9.52 33.81 -3.15
N SER B 39 10.58 34.60 -3.26
CA SER B 39 11.58 34.43 -4.31
C SER B 39 12.96 34.79 -3.75
N GLN B 40 13.60 33.79 -3.15
CA GLN B 40 14.91 33.91 -2.53
C GLN B 40 14.82 32.82 -1.47
N ILE B 41 13.63 32.70 -0.92
CA ILE B 41 13.35 31.69 0.08
C ILE B 41 13.05 30.42 -0.68
N LYS B 42 12.30 30.55 -1.77
CA LYS B 42 11.95 29.40 -2.58
C LYS B 42 13.20 28.81 -3.25
N ALA B 43 14.11 29.69 -3.69
CA ALA B 43 15.35 29.24 -4.33
C ALA B 43 16.24 28.56 -3.28
N ALA B 44 16.19 29.06 -2.05
CA ALA B 44 16.99 28.52 -0.96
C ALA B 44 16.52 27.10 -0.62
N LEU B 45 15.21 26.96 -0.45
CA LEU B 45 14.62 25.67 -0.12
C LEU B 45 14.82 24.69 -1.28
N ASP B 46 14.76 25.21 -2.50
CA ASP B 46 14.95 24.35 -3.67
C ASP B 46 16.44 23.97 -3.76
N ASN B 47 17.33 24.92 -3.52
CA ASN B 47 18.77 24.60 -3.58
C ASN B 47 19.12 23.60 -2.50
N ALA B 48 18.69 23.87 -1.28
CA ALA B 48 18.95 22.98 -0.17
C ALA B 48 18.36 21.60 -0.46
N GLY B 49 17.21 21.58 -1.12
CA GLY B 49 16.57 20.32 -1.39
C GLY B 49 17.38 19.48 -2.34
N LYS B 50 17.85 20.11 -3.42
CA LYS B 50 18.65 19.41 -4.40
C LYS B 50 19.96 18.90 -3.79
N ILE B 51 20.62 19.72 -2.98
CA ILE B 51 21.87 19.31 -2.33
C ILE B 51 21.63 18.02 -1.54
N MET B 52 20.56 18.02 -0.72
CA MET B 52 20.25 16.84 0.09
C MET B 52 19.83 15.61 -0.71
N SER B 53 19.01 15.77 -1.74
CA SER B 53 18.58 14.57 -2.44
C SER B 53 19.62 13.95 -3.35
N LEU B 54 20.59 14.76 -3.78
CA LEU B 54 21.64 14.26 -4.67
C LEU B 54 22.99 13.94 -3.99
N THR B 55 23.14 14.24 -2.70
CA THR B 55 24.43 13.96 -2.05
C THR B 55 24.34 13.52 -0.58
N LYS B 56 23.13 13.47 -0.03
CA LYS B 56 22.97 13.05 1.35
C LYS B 56 22.20 11.73 1.37
N THR B 57 22.13 11.10 2.55
CA THR B 57 21.42 9.84 2.71
C THR B 57 20.73 9.81 4.09
N ALA B 58 19.83 8.86 4.29
CA ALA B 58 19.13 8.74 5.57
C ALA B 58 20.01 8.84 6.83
N PRO B 59 21.16 8.12 6.87
CA PRO B 59 22.06 8.18 8.05
C PRO B 59 22.45 9.61 8.45
N ASP B 60 22.65 10.46 7.46
CA ASP B 60 23.04 11.85 7.70
C ASP B 60 22.03 12.61 8.55
N TYR B 61 20.86 12.03 8.75
CA TYR B 61 19.84 12.69 9.54
C TYR B 61 19.23 11.79 10.61
N LEU B 62 19.28 10.49 10.41
CA LEU B 62 18.73 9.55 11.39
C LEU B 62 19.64 9.41 12.63
N VAL B 63 20.95 9.31 12.39
CA VAL B 63 21.91 9.16 13.48
C VAL B 63 22.27 10.48 14.14
N GLY B 64 21.66 10.74 15.28
CA GLY B 64 21.94 11.97 16.00
C GLY B 64 23.42 12.22 16.16
N GLN B 65 23.77 13.48 16.34
CA GLN B 65 25.17 13.89 16.51
C GLN B 65 25.50 13.95 17.99
N GLN B 66 24.47 14.04 18.82
CA GLN B 66 24.64 14.11 20.27
C GLN B 66 24.28 12.77 20.93
N PRO B 67 25.24 12.11 21.57
CA PRO B 67 25.05 10.82 22.23
C PRO B 67 23.88 10.74 23.23
N VAL B 68 23.06 9.70 23.02
CA VAL B 68 21.87 9.42 23.82
C VAL B 68 21.84 9.82 25.29
N GLU B 69 22.79 9.32 26.08
CA GLU B 69 22.85 9.62 27.51
C GLU B 69 22.05 8.60 28.30
N ASP B 70 20.73 8.78 28.33
CA ASP B 70 19.85 7.86 29.04
C ASP B 70 18.73 7.31 28.16
N ILE B 71 19.04 6.23 27.45
CA ILE B 71 18.11 5.57 26.53
C ILE B 71 16.81 5.10 27.15
N SER B 72 16.81 4.90 28.47
CA SER B 72 15.60 4.43 29.17
C SER B 72 14.39 5.31 28.87
N SER B 73 14.63 6.61 28.68
CA SER B 73 13.55 7.55 28.40
C SER B 73 12.98 7.33 27.00
N ASN B 74 13.83 6.84 26.09
CA ASN B 74 13.45 6.57 24.71
C ASN B 74 12.27 5.58 24.62
N ARG B 75 11.35 5.83 23.69
CA ARG B 75 10.17 4.99 23.53
C ARG B 75 10.38 3.87 22.52
N ILE B 76 11.41 3.98 21.69
CA ILE B 76 11.70 2.95 20.70
C ILE B 76 12.51 1.88 21.43
N TYR B 77 13.17 2.29 22.51
CA TYR B 77 13.97 1.39 23.33
C TYR B 77 13.03 0.62 24.25
N LYS B 78 11.98 1.30 24.70
CA LYS B 78 10.99 0.69 25.58
C LYS B 78 10.11 -0.28 24.79
N ILE B 79 9.51 0.21 23.70
CA ILE B 79 8.65 -0.62 22.89
C ILE B 79 9.34 -1.89 22.43
N LEU B 80 10.62 -1.78 22.07
CA LEU B 80 11.37 -2.95 21.61
C LEU B 80 11.56 -3.96 22.74
N GLU B 81 12.06 -3.49 23.87
CA GLU B 81 12.30 -4.35 25.04
C GLU B 81 11.02 -4.85 25.69
N LEU B 82 9.97 -4.05 25.59
CA LEU B 82 8.68 -4.40 26.17
C LEU B 82 8.04 -5.52 25.34
N ASN B 83 8.55 -5.74 24.14
CA ASN B 83 7.99 -6.78 23.29
C ASN B 83 8.89 -8.00 23.25
N GLY B 84 9.81 -8.05 24.20
CA GLY B 84 10.72 -9.17 24.25
C GLY B 84 11.67 -9.10 23.08
N TYR B 85 12.59 -8.14 23.15
CA TYR B 85 13.61 -7.91 22.12
C TYR B 85 14.78 -7.18 22.79
N ASP B 86 15.99 -7.61 22.49
CA ASP B 86 17.17 -6.96 23.05
C ASP B 86 17.33 -5.66 22.27
N PRO B 87 17.25 -4.50 22.94
CA PRO B 87 17.39 -3.21 22.25
C PRO B 87 18.66 -3.11 21.41
N GLN B 88 19.80 -3.39 22.03
CA GLN B 88 21.09 -3.33 21.37
C GLN B 88 21.10 -4.16 20.09
N TYR B 89 20.37 -5.28 20.10
CA TYR B 89 20.32 -6.15 18.91
C TYR B 89 19.43 -5.48 17.87
N ALA B 90 18.16 -5.30 18.23
CA ALA B 90 17.20 -4.66 17.34
C ALA B 90 17.84 -3.40 16.75
N ALA B 91 18.27 -2.50 17.64
CA ALA B 91 18.90 -1.27 17.20
C ALA B 91 19.88 -1.53 16.07
N SER B 92 20.78 -2.50 16.25
CA SER B 92 21.76 -2.81 15.22
C SER B 92 21.09 -3.15 13.90
N VAL B 93 19.93 -3.80 13.96
CA VAL B 93 19.19 -4.15 12.76
C VAL B 93 18.81 -2.85 12.06
N PHE B 94 18.19 -1.94 12.81
CA PHE B 94 17.78 -0.65 12.26
C PHE B 94 18.93 0.12 11.66
N LEU B 95 20.05 0.18 12.39
CA LEU B 95 21.23 0.90 11.90
C LEU B 95 21.75 0.29 10.61
N GLY B 96 21.82 -1.04 10.55
CA GLY B 96 22.30 -1.71 9.36
C GLY B 96 21.32 -1.52 8.21
N TRP B 97 20.03 -1.45 8.56
CA TRP B 97 18.97 -1.24 7.59
C TRP B 97 19.08 0.19 7.03
N ALA B 98 19.26 1.15 7.93
CA ALA B 98 19.37 2.55 7.54
C ALA B 98 20.65 2.87 6.72
N THR B 99 21.57 1.90 6.61
CA THR B 99 22.80 2.13 5.85
C THR B 99 23.02 1.06 4.77
N LYS B 100 21.93 0.41 4.35
CA LYS B 100 22.00 -0.62 3.32
C LYS B 100 23.20 -1.57 3.49
N LYS B 101 23.44 -1.99 4.73
CA LYS B 101 24.54 -2.87 5.05
C LYS B 101 24.22 -4.36 4.91
N PHE B 102 22.94 -4.70 4.92
CA PHE B 102 22.50 -6.09 4.84
C PHE B 102 22.08 -6.62 3.46
N GLY B 103 22.75 -6.18 2.41
CA GLY B 103 22.41 -6.67 1.08
C GLY B 103 20.92 -6.70 0.76
N LYS B 104 20.45 -7.85 0.28
CA LYS B 104 19.06 -8.07 -0.11
C LYS B 104 18.02 -7.64 0.92
N ARG B 105 18.29 -7.91 2.19
CA ARG B 105 17.40 -7.54 3.29
C ARG B 105 17.46 -6.03 3.46
N ASN B 106 16.67 -5.33 2.66
CA ASN B 106 16.64 -3.88 2.65
C ASN B 106 15.35 -3.36 3.26
N THR B 107 14.59 -4.26 3.87
CA THR B 107 13.30 -3.90 4.46
C THR B 107 13.07 -4.37 5.91
N ILE B 108 12.50 -3.49 6.71
CA ILE B 108 12.15 -3.79 8.09
C ILE B 108 10.62 -3.80 8.15
N TRP B 109 10.07 -4.87 8.70
CA TRP B 109 8.62 -5.05 8.79
C TRP B 109 8.16 -5.06 10.24
N LEU B 110 7.29 -4.12 10.59
CA LEU B 110 6.77 -4.08 11.95
C LEU B 110 5.34 -4.62 11.88
N PHE B 111 5.18 -5.90 12.25
CA PHE B 111 3.87 -6.54 12.22
C PHE B 111 3.23 -6.55 13.60
N GLY B 112 1.92 -6.33 13.62
CA GLY B 112 1.20 -6.33 14.88
C GLY B 112 -0.04 -5.46 14.92
N PRO B 113 -0.70 -5.39 16.09
CA PRO B 113 -1.92 -4.62 16.34
C PRO B 113 -1.80 -3.14 15.99
N ALA B 114 -2.95 -2.48 15.91
CA ALA B 114 -3.00 -1.07 15.56
C ALA B 114 -2.52 -0.13 16.67
N THR B 115 -2.45 -0.62 17.91
CA THR B 115 -2.03 0.21 19.02
C THR B 115 -0.72 -0.30 19.64
N THR B 116 0.03 -1.05 18.86
CA THR B 116 1.29 -1.60 19.34
C THR B 116 2.47 -0.68 19.06
N GLY B 117 2.19 0.46 18.44
CA GLY B 117 3.23 1.44 18.14
C GLY B 117 4.06 1.23 16.88
N LYS B 118 3.65 0.29 16.03
CA LYS B 118 4.39 0.04 14.80
C LYS B 118 4.32 1.29 13.93
N THR B 119 3.11 1.84 13.78
CA THR B 119 2.88 3.04 12.98
C THR B 119 3.57 4.21 13.66
N ASN B 120 3.62 4.15 14.98
CA ASN B 120 4.23 5.18 15.80
C ASN B 120 5.72 5.33 15.48
N ILE B 121 6.41 4.19 15.39
CA ILE B 121 7.83 4.19 15.09
C ILE B 121 8.11 4.57 13.62
N ALA B 122 7.44 3.88 12.70
CA ALA B 122 7.61 4.15 11.28
C ALA B 122 7.44 5.62 10.94
N GLU B 123 6.36 6.22 11.42
CA GLU B 123 6.09 7.61 11.13
C GLU B 123 7.15 8.55 11.66
N ALA B 124 7.67 8.28 12.86
CA ALA B 124 8.69 9.13 13.44
C ALA B 124 9.94 9.12 12.58
N ILE B 125 10.29 7.94 12.07
CA ILE B 125 11.48 7.76 11.22
C ILE B 125 11.34 8.44 9.84
N ALA B 126 10.20 8.23 9.20
CA ALA B 126 9.96 8.80 7.90
C ALA B 126 10.03 10.34 7.92
N HIS B 127 9.56 10.93 9.01
CA HIS B 127 9.56 12.38 9.16
C HIS B 127 10.88 12.95 9.64
N THR B 128 11.75 12.11 10.19
CA THR B 128 13.05 12.58 10.65
C THR B 128 13.92 12.90 9.42
N VAL B 129 13.74 12.15 8.33
CA VAL B 129 14.54 12.43 7.15
C VAL B 129 13.95 13.56 6.32
N PRO B 130 14.76 14.17 5.45
CA PRO B 130 14.38 15.28 4.56
C PRO B 130 13.30 14.90 3.54
N PHE B 131 13.50 13.77 2.87
CA PHE B 131 12.55 13.28 1.87
C PHE B 131 12.22 11.81 2.10
N TYR B 132 10.95 11.50 2.12
CA TYR B 132 10.56 10.12 2.30
C TYR B 132 9.41 9.85 1.33
N GLY B 133 9.26 8.60 0.92
CA GLY B 133 8.21 8.24 -0.01
C GLY B 133 7.15 7.39 0.68
N CYS B 134 5.90 7.62 0.29
CA CYS B 134 4.77 6.90 0.84
C CYS B 134 4.24 5.88 -0.16
N VAL B 135 4.05 4.66 0.32
CA VAL B 135 3.49 3.63 -0.52
C VAL B 135 2.10 3.32 -0.02
N ASN B 136 1.14 3.91 -0.71
CA ASN B 136 -0.27 3.74 -0.44
C ASN B 136 -0.73 3.15 -1.73
N TRP B 137 -1.87 2.49 -1.72
CA TRP B 137 -2.35 1.98 -2.96
C TRP B 137 -3.48 2.90 -3.39
N THR B 138 -3.31 4.17 -3.02
CA THR B 138 -4.26 5.23 -3.33
C THR B 138 -4.19 5.43 -4.83
N ASN B 139 -3.20 4.81 -5.46
CA ASN B 139 -3.05 4.88 -6.89
C ASN B 139 -2.65 3.51 -7.41
N GLU B 140 -3.66 2.71 -7.70
CA GLU B 140 -3.54 1.35 -8.20
C GLU B 140 -2.53 1.19 -9.35
N ASN B 141 -2.58 2.11 -10.31
CA ASN B 141 -1.71 2.07 -11.47
C ASN B 141 -0.23 2.25 -11.14
N PHE B 142 0.11 3.38 -10.51
CA PHE B 142 1.49 3.63 -10.14
C PHE B 142 1.63 3.71 -8.63
N PRO B 143 1.75 2.55 -7.98
CA PRO B 143 1.89 2.42 -6.53
C PRO B 143 3.18 3.01 -5.99
N PHE B 144 4.16 3.22 -6.87
CA PHE B 144 5.47 3.75 -6.48
C PHE B 144 5.75 5.15 -7.03
N ASN B 145 4.67 5.88 -7.37
CA ASN B 145 4.77 7.23 -7.91
C ASN B 145 5.51 8.21 -6.99
N ASP B 146 5.43 7.95 -5.69
CA ASP B 146 6.07 8.82 -4.69
C ASP B 146 7.38 8.26 -4.13
N CYS B 147 8.01 7.33 -4.85
CA CYS B 147 9.24 6.71 -4.37
C CYS B 147 10.53 7.14 -5.03
N VAL B 148 10.49 8.15 -5.90
CA VAL B 148 11.70 8.59 -6.58
C VAL B 148 12.54 9.59 -5.75
N ASP B 149 13.82 9.30 -5.61
CA ASP B 149 14.74 10.16 -4.86
C ASP B 149 14.33 10.41 -3.41
N LYS B 150 14.06 9.34 -2.67
CA LYS B 150 13.68 9.46 -1.27
C LYS B 150 14.77 8.80 -0.46
N MET B 151 14.87 9.17 0.82
CA MET B 151 15.88 8.59 1.69
C MET B 151 15.34 7.38 2.46
N VAL B 152 14.02 7.29 2.51
CA VAL B 152 13.32 6.20 3.18
C VAL B 152 11.95 6.02 2.51
N ILE B 153 11.49 4.77 2.43
CA ILE B 153 10.20 4.45 1.84
C ILE B 153 9.32 3.82 2.93
N TRP B 154 8.16 4.41 3.19
CA TRP B 154 7.26 3.88 4.20
C TRP B 154 6.05 3.28 3.51
N TRP B 155 5.93 1.96 3.63
CA TRP B 155 4.84 1.18 3.04
C TRP B 155 3.86 0.99 4.20
N GLU B 156 2.91 1.91 4.32
CA GLU B 156 1.96 1.85 5.42
C GLU B 156 0.77 0.94 5.25
N GLU B 157 0.39 0.63 4.02
CA GLU B 157 -0.77 -0.23 3.79
C GLU B 157 -0.88 -0.71 2.35
N GLY B 158 -1.53 -1.85 2.17
CA GLY B 158 -1.72 -2.39 0.84
C GLY B 158 -1.01 -3.69 0.52
N LYS B 159 -1.61 -4.44 -0.41
CA LYS B 159 -1.06 -5.71 -0.83
C LYS B 159 -0.58 -5.58 -2.27
N MET B 160 0.54 -6.23 -2.57
CA MET B 160 1.12 -6.21 -3.90
C MET B 160 0.26 -6.97 -4.90
N THR B 161 0.34 -6.56 -6.16
CA THR B 161 -0.37 -7.21 -7.24
C THR B 161 0.62 -7.98 -8.09
N ALA B 162 0.24 -9.18 -8.50
CA ALA B 162 1.13 -10.00 -9.31
C ALA B 162 1.72 -9.21 -10.46
N LYS B 163 1.10 -8.08 -10.80
CA LYS B 163 1.61 -7.26 -11.90
C LYS B 163 2.76 -6.35 -11.53
N VAL B 164 2.95 -6.11 -10.24
CA VAL B 164 4.06 -5.25 -9.80
C VAL B 164 4.94 -5.98 -8.78
N VAL B 165 4.99 -7.30 -8.87
CA VAL B 165 5.78 -8.08 -7.94
C VAL B 165 7.27 -7.91 -8.13
N GLU B 166 7.71 -8.05 -9.38
CA GLU B 166 9.13 -7.93 -9.68
C GLU B 166 9.67 -6.57 -9.24
N SER B 167 9.04 -5.49 -9.70
CA SER B 167 9.44 -4.16 -9.33
C SER B 167 9.45 -4.01 -7.80
N ALA B 168 8.42 -4.56 -7.17
CA ALA B 168 8.30 -4.50 -5.72
C ALA B 168 9.41 -5.25 -5.01
N LYS B 169 9.88 -6.34 -5.61
CA LYS B 169 10.94 -7.14 -5.00
C LYS B 169 12.31 -6.45 -5.04
N ALA B 170 12.56 -5.70 -6.12
CA ALA B 170 13.81 -4.96 -6.27
C ALA B 170 13.86 -3.82 -5.24
N ILE B 171 12.76 -3.09 -5.12
CA ILE B 171 12.70 -2.00 -4.18
C ILE B 171 12.87 -2.52 -2.76
N LEU B 172 12.06 -3.52 -2.41
CA LEU B 172 12.15 -4.11 -1.08
C LEU B 172 13.50 -4.82 -0.99
N GLY B 173 14.03 -5.22 -2.15
CA GLY B 173 15.32 -5.90 -2.21
C GLY B 173 16.56 -5.02 -2.40
N GLY B 174 16.39 -3.70 -2.28
CA GLY B 174 17.51 -2.77 -2.40
C GLY B 174 18.21 -2.62 -3.74
N SER B 175 17.55 -3.04 -4.82
CA SER B 175 18.14 -2.95 -6.15
C SER B 175 17.41 -1.93 -7.04
N LYS B 176 18.17 -1.05 -7.69
CA LYS B 176 17.59 -0.03 -8.57
C LYS B 176 16.69 -0.65 -9.62
N VAL B 177 15.65 0.09 -9.99
CA VAL B 177 14.71 -0.37 -11.00
C VAL B 177 13.98 0.80 -11.63
N ARG B 178 13.85 0.77 -12.95
CA ARG B 178 13.15 1.84 -13.64
C ARG B 178 11.67 1.53 -13.58
N VAL B 179 10.85 2.56 -13.44
CA VAL B 179 9.40 2.38 -13.33
C VAL B 179 8.65 3.37 -14.23
N ASP B 180 7.45 2.98 -14.66
CA ASP B 180 6.64 3.83 -15.52
C ASP B 180 5.84 4.80 -14.66
N GLN B 181 5.67 6.02 -15.15
CA GLN B 181 4.93 7.05 -14.43
C GLN B 181 3.78 7.60 -15.28
N LYS B 182 3.05 8.56 -14.73
CA LYS B 182 1.94 9.18 -15.44
C LYS B 182 2.47 9.72 -16.77
N CYS B 183 1.55 10.08 -17.66
CA CYS B 183 1.91 10.60 -18.98
C CYS B 183 3.06 9.80 -19.59
N LYS B 184 3.82 10.43 -20.47
CA LYS B 184 4.96 9.76 -21.09
C LYS B 184 6.07 9.84 -20.07
N SER B 185 6.03 8.96 -19.08
CA SER B 185 7.05 8.97 -18.03
C SER B 185 7.60 7.62 -17.64
N SER B 186 8.80 7.66 -17.06
CA SER B 186 9.51 6.49 -16.59
C SER B 186 10.56 7.05 -15.62
N ALA B 187 10.77 6.37 -14.49
CA ALA B 187 11.72 6.87 -13.50
C ALA B 187 12.66 5.82 -12.92
N GLN B 188 13.67 6.30 -12.21
CA GLN B 188 14.68 5.45 -11.57
C GLN B 188 14.54 5.43 -10.06
N ILE B 189 14.19 4.28 -9.51
CA ILE B 189 14.05 4.15 -8.07
C ILE B 189 15.34 3.51 -7.57
N ASP B 190 16.24 4.33 -7.04
CA ASP B 190 17.51 3.83 -6.54
C ASP B 190 17.32 3.09 -5.22
N PRO B 191 18.28 2.24 -4.85
CA PRO B 191 18.19 1.49 -3.60
C PRO B 191 17.78 2.40 -2.45
N THR B 192 16.68 2.06 -1.81
CA THR B 192 16.14 2.84 -0.71
C THR B 192 15.63 1.96 0.42
N PRO B 193 16.13 2.19 1.64
CA PRO B 193 15.65 1.37 2.76
C PRO B 193 14.13 1.53 2.85
N VAL B 194 13.44 0.39 2.91
CA VAL B 194 11.99 0.36 2.96
C VAL B 194 11.53 -0.13 4.32
N ILE B 195 10.55 0.56 4.90
CA ILE B 195 10.00 0.13 6.17
C ILE B 195 8.52 -0.15 5.99
N VAL B 196 8.13 -1.38 6.27
CA VAL B 196 6.75 -1.84 6.12
C VAL B 196 6.02 -1.82 7.45
N THR B 197 4.74 -1.49 7.38
CA THR B 197 3.89 -1.43 8.55
C THR B 197 2.55 -2.08 8.20
N SER B 198 2.24 -3.20 8.83
CA SER B 198 0.99 -3.85 8.48
C SER B 198 0.52 -4.90 9.50
N ASN B 199 -0.74 -5.29 9.32
CA ASN B 199 -1.40 -6.30 10.14
C ASN B 199 -2.10 -7.23 9.17
N THR B 200 -1.57 -7.30 7.94
CA THR B 200 -2.08 -8.17 6.90
C THR B 200 -0.91 -9.06 6.55
N ASN B 201 -1.04 -9.87 5.51
CA ASN B 201 0.04 -10.77 5.13
C ASN B 201 0.82 -10.27 3.92
N MET B 202 2.04 -9.79 4.16
CA MET B 202 2.88 -9.29 3.08
C MET B 202 3.14 -10.37 2.06
N CYS B 203 3.69 -11.48 2.53
CA CYS B 203 4.04 -12.60 1.67
C CYS B 203 2.87 -13.10 0.83
N ALA B 204 1.67 -12.61 1.10
CA ALA B 204 0.50 -13.03 0.33
C ALA B 204 0.27 -12.06 -0.82
N VAL B 205 0.44 -12.55 -2.06
CA VAL B 205 0.24 -11.71 -3.23
C VAL B 205 -1.06 -12.03 -3.92
N ILE B 206 -1.76 -10.98 -4.37
CA ILE B 206 -3.03 -11.16 -5.06
C ILE B 206 -2.82 -11.17 -6.57
N ASP B 207 -3.50 -12.11 -7.22
CA ASP B 207 -3.42 -12.27 -8.67
C ASP B 207 -4.83 -12.60 -9.19
N GLY B 208 -5.42 -11.64 -9.88
CA GLY B 208 -6.77 -11.83 -10.39
C GLY B 208 -7.72 -12.10 -9.23
N ASN B 209 -8.63 -13.04 -9.43
CA ASN B 209 -9.59 -13.40 -8.40
C ASN B 209 -8.99 -14.51 -7.55
N SER B 210 -7.79 -14.26 -7.01
CA SER B 210 -7.10 -15.26 -6.18
C SER B 210 -5.76 -14.75 -5.65
N THR B 211 -5.22 -15.48 -4.68
CA THR B 211 -3.93 -15.14 -4.06
C THR B 211 -2.87 -16.21 -4.28
N THR B 212 -1.62 -15.78 -4.43
CA THR B 212 -0.52 -16.72 -4.64
C THR B 212 0.57 -16.54 -3.59
N PHE B 213 0.93 -17.62 -2.91
CA PHE B 213 1.97 -17.59 -1.88
C PHE B 213 3.30 -18.01 -2.48
N GLU B 214 3.36 -17.96 -3.81
CA GLU B 214 4.56 -18.37 -4.51
C GLU B 214 5.73 -17.40 -4.38
N HIS B 215 5.46 -16.15 -4.01
CA HIS B 215 6.53 -15.15 -3.88
C HIS B 215 7.01 -15.05 -2.43
N GLN B 216 6.36 -15.80 -1.54
CA GLN B 216 6.67 -15.78 -0.12
C GLN B 216 8.14 -15.85 0.28
N GLN B 217 8.86 -16.83 -0.26
CA GLN B 217 10.27 -17.01 0.08
C GLN B 217 11.12 -15.84 -0.39
N PRO B 218 10.97 -15.43 -1.65
CA PRO B 218 11.76 -14.32 -2.18
C PRO B 218 11.48 -13.03 -1.41
N LEU B 219 10.23 -12.86 -0.96
CA LEU B 219 9.86 -11.67 -0.22
C LEU B 219 10.46 -11.71 1.18
N GLN B 220 10.45 -12.89 1.79
CA GLN B 220 11.02 -13.05 3.13
C GLN B 220 12.54 -12.86 3.14
N ASP B 221 13.18 -13.13 2.01
CA ASP B 221 14.63 -12.98 1.95
C ASP B 221 15.06 -11.51 1.96
N ARG B 222 14.11 -10.61 1.74
CA ARG B 222 14.42 -9.19 1.69
C ARG B 222 13.97 -8.41 2.92
N MET B 223 13.56 -9.11 3.97
CA MET B 223 13.05 -8.42 5.15
C MET B 223 13.56 -8.92 6.49
N PHE B 224 13.41 -8.06 7.49
CA PHE B 224 13.75 -8.34 8.87
C PHE B 224 12.39 -8.15 9.49
N LYS B 225 11.82 -9.19 10.07
CA LYS B 225 10.50 -9.04 10.65
C LYS B 225 10.49 -8.89 12.16
N PHE B 226 9.71 -7.92 12.62
CA PHE B 226 9.54 -7.68 14.05
C PHE B 226 8.07 -7.91 14.36
N GLU B 227 7.80 -8.46 15.53
CA GLU B 227 6.41 -8.71 15.93
C GLU B 227 6.10 -7.88 17.18
N LEU B 228 5.08 -7.04 17.08
CA LEU B 228 4.69 -6.19 18.18
C LEU B 228 3.30 -6.57 18.66
N THR B 229 3.20 -6.98 19.92
CA THR B 229 1.94 -7.42 20.50
C THR B 229 1.53 -6.56 21.68
N ARG B 230 2.53 -6.11 22.41
CA ARG B 230 2.36 -5.29 23.61
C ARG B 230 1.46 -4.07 23.41
N ARG B 231 0.19 -4.23 23.74
CA ARG B 231 -0.76 -3.13 23.62
C ARG B 231 -0.24 -1.98 24.46
N LEU B 232 -0.02 -0.83 23.81
CA LEU B 232 0.50 0.35 24.50
C LEU B 232 -0.51 0.92 25.49
N ASP B 233 -0.04 1.81 26.36
CA ASP B 233 -0.90 2.42 27.37
C ASP B 233 -1.27 3.86 27.01
N HIS B 234 -2.32 4.38 27.64
CA HIS B 234 -2.77 5.74 27.39
C HIS B 234 -1.75 6.73 27.93
N ASP B 235 -1.65 7.88 27.26
CA ASP B 235 -0.70 8.93 27.66
C ASP B 235 0.73 8.51 27.35
N PHE B 236 0.87 7.51 26.48
CA PHE B 236 2.19 7.02 26.07
C PHE B 236 2.22 6.86 24.56
N GLY B 237 3.10 7.60 23.89
CA GLY B 237 3.17 7.46 22.45
C GLY B 237 3.54 8.68 21.63
N LYS B 238 3.71 8.43 20.33
CA LYS B 238 4.07 9.40 19.30
C LYS B 238 5.53 9.38 18.87
N VAL B 239 6.42 8.89 19.74
CA VAL B 239 7.84 8.82 19.44
C VAL B 239 8.35 10.15 18.88
N THR B 240 9.07 10.88 19.72
CA THR B 240 9.59 12.18 19.37
C THR B 240 10.66 12.06 18.28
N LYS B 241 10.76 13.10 17.45
CA LYS B 241 11.77 13.11 16.39
C LYS B 241 13.12 13.00 17.05
N GLN B 242 13.23 13.61 18.24
CA GLN B 242 14.46 13.58 18.99
C GLN B 242 14.85 12.14 19.28
N GLU B 243 13.89 11.34 19.71
CA GLU B 243 14.13 9.95 20.04
C GLU B 243 14.60 9.12 18.85
N VAL B 244 14.15 9.48 17.64
CA VAL B 244 14.61 8.73 16.49
C VAL B 244 16.12 8.93 16.39
N LYS B 245 16.54 10.19 16.47
CA LYS B 245 17.96 10.54 16.40
C LYS B 245 18.82 9.88 17.48
N ASP B 246 18.31 9.83 18.70
CA ASP B 246 19.08 9.21 19.78
C ASP B 246 19.19 7.70 19.61
N PHE B 247 18.08 7.08 19.22
CA PHE B 247 18.04 5.64 19.02
C PHE B 247 19.12 5.20 18.06
N PHE B 248 19.21 5.87 16.92
CA PHE B 248 20.21 5.51 15.93
C PHE B 248 21.63 5.84 16.35
N ARG B 249 21.79 6.82 17.22
CA ARG B 249 23.14 7.15 17.67
C ARG B 249 23.59 6.11 18.67
N TRP B 250 22.66 5.70 19.52
CA TRP B 250 22.90 4.69 20.54
C TRP B 250 23.23 3.39 19.82
N ALA B 251 22.46 3.09 18.79
CA ALA B 251 22.67 1.88 18.03
C ALA B 251 24.07 1.88 17.44
N LYS B 252 24.57 3.07 17.10
CA LYS B 252 25.89 3.20 16.51
C LYS B 252 27.02 3.00 17.52
N ASP B 253 26.83 3.57 18.72
CA ASP B 253 27.81 3.47 19.79
C ASP B 253 27.83 2.12 20.51
N HIS B 254 26.86 1.27 20.21
CA HIS B 254 26.77 -0.03 20.86
C HIS B 254 26.44 -1.11 19.84
N VAL B 255 27.11 -1.05 18.68
CA VAL B 255 26.87 -2.00 17.60
C VAL B 255 27.26 -3.45 17.85
N VAL B 256 26.31 -4.35 17.69
CA VAL B 256 26.57 -5.78 17.86
C VAL B 256 26.31 -6.50 16.55
N GLU B 257 26.90 -7.68 16.41
CA GLU B 257 26.73 -8.47 15.20
C GLU B 257 25.26 -8.87 15.03
N VAL B 258 24.77 -8.81 13.80
CA VAL B 258 23.38 -9.14 13.50
C VAL B 258 23.25 -10.41 12.68
N GLU B 259 22.25 -11.22 13.02
CA GLU B 259 22.00 -12.45 12.29
C GLU B 259 21.18 -12.13 11.05
N HIS B 260 21.72 -12.46 9.88
CA HIS B 260 21.07 -12.20 8.61
C HIS B 260 19.91 -13.17 8.36
N GLU B 261 18.91 -13.13 9.25
CA GLU B 261 17.73 -14.01 9.16
C GLU B 261 16.42 -13.20 9.18
N PHE B 262 15.38 -13.77 8.59
CA PHE B 262 14.07 -13.14 8.51
C PHE B 262 13.49 -12.73 9.86
N TYR B 263 13.09 -13.70 10.68
CA TYR B 263 12.52 -13.37 12.00
C TYR B 263 13.60 -12.87 12.97
N VAL B 264 13.41 -11.66 13.48
CA VAL B 264 14.35 -11.08 14.44
C VAL B 264 14.24 -11.91 15.70
N LYS B 265 15.38 -12.34 16.24
CA LYS B 265 15.41 -13.15 17.45
C LYS B 265 15.12 -12.34 18.71
N LYS B 266 14.21 -12.84 19.53
CA LYS B 266 13.85 -12.17 20.77
C LYS B 266 14.77 -12.60 21.90
N GLY B 267 15.43 -13.74 21.72
CA GLY B 267 16.33 -14.24 22.73
C GLY B 267 17.37 -13.24 23.20
N GLY B 268 17.38 -12.99 24.52
CA GLY B 268 18.33 -12.04 25.07
C GLY B 268 17.70 -11.06 26.06
N ALA C 1 1.00 -40.54 13.15
CA ALA C 1 1.57 -40.40 11.77
C ALA C 1 2.00 -41.75 11.24
N GLY C 2 2.68 -41.74 10.09
CA GLY C 2 3.14 -42.99 9.51
C GLY C 2 2.93 -43.12 8.02
N MET C 3 1.75 -43.60 7.63
CA MET C 3 1.42 -43.79 6.22
C MET C 3 0.36 -42.85 5.68
N GLU C 4 0.31 -41.65 6.24
CA GLU C 4 -0.62 -40.63 5.77
C GLU C 4 0.13 -39.88 4.66
N LEU C 5 1.45 -39.97 4.74
CA LEU C 5 2.37 -39.34 3.81
C LEU C 5 2.30 -39.91 2.39
N VAL C 6 2.13 -41.24 2.29
CA VAL C 6 2.06 -41.90 0.98
C VAL C 6 0.98 -41.31 0.10
N GLY C 7 -0.19 -41.04 0.68
CA GLY C 7 -1.27 -40.44 -0.08
C GLY C 7 -0.84 -39.11 -0.65
N TRP C 8 -0.07 -38.36 0.12
CA TRP C 8 0.43 -37.06 -0.30
C TRP C 8 1.48 -37.19 -1.40
N LEU C 9 2.43 -38.08 -1.20
CA LEU C 9 3.49 -38.28 -2.18
C LEU C 9 2.90 -38.62 -3.54
N VAL C 10 1.85 -39.44 -3.53
CA VAL C 10 1.18 -39.84 -4.75
C VAL C 10 0.58 -38.67 -5.52
N ASP C 11 -0.13 -37.78 -4.84
CA ASP C 11 -0.72 -36.62 -5.48
C ASP C 11 0.35 -35.69 -6.05
N LYS C 12 1.37 -35.40 -5.25
CA LYS C 12 2.45 -34.52 -5.69
C LYS C 12 3.26 -35.22 -6.77
N GLY C 13 3.29 -36.55 -6.72
CA GLY C 13 4.04 -37.31 -7.70
C GLY C 13 5.51 -37.33 -7.34
N ILE C 14 5.81 -37.30 -6.05
CA ILE C 14 7.19 -37.33 -5.57
C ILE C 14 7.70 -38.76 -5.53
N THR C 15 8.86 -38.98 -6.14
CA THR C 15 9.43 -40.31 -6.21
C THR C 15 10.67 -40.55 -5.33
N SER C 16 11.28 -39.48 -4.84
CA SER C 16 12.49 -39.63 -4.01
C SER C 16 12.64 -38.60 -2.90
N GLU C 17 13.40 -38.98 -1.87
CA GLU C 17 13.65 -38.11 -0.73
C GLU C 17 14.23 -36.78 -1.22
N LYS C 18 15.06 -36.87 -2.25
CA LYS C 18 15.67 -35.69 -2.86
C LYS C 18 14.57 -34.86 -3.51
N GLN C 19 13.67 -35.54 -4.22
CA GLN C 19 12.53 -34.92 -4.89
C GLN C 19 11.67 -34.19 -3.82
N TRP C 20 11.47 -34.85 -2.69
CA TRP C 20 10.67 -34.30 -1.59
C TRP C 20 11.26 -33.00 -1.03
N ILE C 21 12.52 -33.06 -0.60
CA ILE C 21 13.20 -31.88 -0.05
C ILE C 21 13.18 -30.70 -1.02
N GLN C 22 13.49 -30.97 -2.28
CA GLN C 22 13.52 -29.92 -3.30
C GLN C 22 12.17 -29.27 -3.53
N GLU C 23 11.11 -30.06 -3.36
CA GLU C 23 9.76 -29.54 -3.58
C GLU C 23 9.21 -28.86 -2.34
N ASP C 24 9.12 -29.59 -1.23
CA ASP C 24 8.58 -29.00 -0.01
C ASP C 24 9.42 -29.27 1.23
N GLN C 25 10.56 -28.59 1.31
CA GLN C 25 11.48 -28.74 2.43
C GLN C 25 10.79 -28.66 3.79
N ALA C 26 9.83 -27.74 3.92
CA ALA C 26 9.11 -27.55 5.16
C ALA C 26 8.39 -28.82 5.62
N SER C 27 7.57 -29.39 4.73
CA SER C 27 6.84 -30.61 5.07
C SER C 27 7.83 -31.71 5.42
N TYR C 28 9.03 -31.64 4.84
CA TYR C 28 10.06 -32.63 5.10
C TYR C 28 10.59 -32.47 6.52
N ILE C 29 10.95 -31.25 6.88
CA ILE C 29 11.47 -30.92 8.19
C ILE C 29 10.39 -31.13 9.24
N SER C 30 9.17 -30.77 8.88
CA SER C 30 8.00 -30.91 9.75
C SER C 30 7.71 -32.37 10.06
N PHE C 31 7.51 -33.15 9.00
CA PHE C 31 7.23 -34.58 9.12
C PHE C 31 8.36 -35.32 9.79
N ASN C 32 9.59 -34.86 9.56
CA ASN C 32 10.75 -35.50 10.15
C ASN C 32 11.20 -34.86 11.45
N ALA C 33 10.47 -33.85 11.89
CA ALA C 33 10.81 -33.22 13.16
C ALA C 33 10.51 -34.29 14.22
N ALA C 34 11.07 -34.12 15.41
CA ALA C 34 10.85 -35.08 16.49
C ALA C 34 11.59 -36.38 16.23
N SER C 35 11.89 -36.67 14.96
CA SER C 35 12.59 -37.90 14.60
C SER C 35 12.70 -38.08 13.10
N ASN C 36 13.83 -38.62 12.64
CA ASN C 36 14.03 -38.86 11.21
C ASN C 36 14.27 -40.34 10.95
N SER C 37 13.19 -41.10 10.81
CA SER C 37 13.26 -42.54 10.57
C SER C 37 13.84 -42.83 9.20
N ARG C 38 14.85 -43.69 9.17
CA ARG C 38 15.50 -44.06 7.93
C ARG C 38 14.76 -45.21 7.25
N SER C 39 13.81 -45.80 7.97
CA SER C 39 13.04 -46.92 7.46
C SER C 39 11.59 -46.53 7.10
N GLN C 40 10.97 -45.72 7.95
CA GLN C 40 9.60 -45.26 7.75
C GLN C 40 9.48 -44.41 6.48
N ILE C 41 10.51 -43.62 6.20
CA ILE C 41 10.55 -42.78 5.01
C ILE C 41 10.66 -43.67 3.78
N LYS C 42 11.50 -44.69 3.86
CA LYS C 42 11.69 -45.60 2.74
C LYS C 42 10.38 -46.33 2.41
N ALA C 43 9.79 -46.94 3.42
CA ALA C 43 8.54 -47.68 3.25
C ALA C 43 7.48 -46.80 2.58
N ALA C 44 7.45 -45.53 2.95
CA ALA C 44 6.49 -44.59 2.39
C ALA C 44 6.76 -44.34 0.91
N LEU C 45 8.01 -44.08 0.56
CA LEU C 45 8.38 -43.83 -0.83
C LEU C 45 8.16 -45.07 -1.69
N ASP C 46 8.37 -46.25 -1.10
CA ASP C 46 8.18 -47.48 -1.84
C ASP C 46 6.70 -47.69 -2.13
N ASN C 47 5.87 -47.47 -1.13
CA ASN C 47 4.44 -47.63 -1.32
C ASN C 47 3.93 -46.57 -2.27
N ALA C 48 4.35 -45.33 -2.08
CA ALA C 48 3.93 -44.25 -2.97
C ALA C 48 4.36 -44.57 -4.40
N GLY C 49 5.63 -44.95 -4.55
CA GLY C 49 6.16 -45.27 -5.86
C GLY C 49 5.43 -46.43 -6.48
N LYS C 50 5.15 -47.44 -5.65
CA LYS C 50 4.45 -48.61 -6.14
C LYS C 50 3.01 -48.35 -6.55
N ILE C 51 2.29 -47.45 -5.88
CA ILE C 51 0.91 -47.23 -6.32
C ILE C 51 0.84 -46.33 -7.56
N MET C 52 1.86 -45.49 -7.77
CA MET C 52 1.89 -44.62 -8.93
C MET C 52 2.20 -45.41 -10.20
N SER C 53 3.35 -46.04 -10.23
CA SER C 53 3.74 -46.81 -11.41
C SER C 53 2.79 -47.96 -11.74
N LEU C 54 2.05 -48.46 -10.74
CA LEU C 54 1.13 -49.55 -10.98
C LEU C 54 -0.33 -49.13 -11.15
N THR C 55 -0.66 -47.91 -10.73
CA THR C 55 -2.02 -47.43 -10.83
C THR C 55 -2.20 -46.18 -11.69
N LYS C 56 -1.21 -45.30 -11.69
CA LYS C 56 -1.30 -44.07 -12.44
C LYS C 56 -0.83 -44.15 -13.90
N THR C 57 -1.06 -43.05 -14.62
CA THR C 57 -0.68 -42.91 -16.03
C THR C 57 -0.26 -41.46 -16.31
N ALA C 58 0.44 -41.26 -17.43
CA ALA C 58 0.90 -39.93 -17.82
C ALA C 58 -0.17 -38.86 -17.59
N PRO C 59 -1.39 -39.08 -18.10
CA PRO C 59 -2.49 -38.12 -17.94
C PRO C 59 -2.80 -37.74 -16.48
N ASP C 60 -2.52 -38.65 -15.54
CA ASP C 60 -2.79 -38.37 -14.13
C ASP C 60 -1.96 -37.21 -13.57
N TYR C 61 -0.82 -36.90 -14.18
CA TYR C 61 0.03 -35.80 -13.69
C TYR C 61 0.29 -34.67 -14.69
N LEU C 62 -0.10 -34.85 -15.95
CA LEU C 62 0.14 -33.83 -16.96
C LEU C 62 -1.00 -32.82 -17.09
N VAL C 63 -2.19 -33.22 -16.66
CA VAL C 63 -3.36 -32.35 -16.75
C VAL C 63 -3.48 -31.41 -15.55
N GLY C 64 -3.35 -30.11 -15.80
CA GLY C 64 -3.46 -29.16 -14.72
C GLY C 64 -4.82 -29.24 -14.05
N GLN C 65 -4.95 -28.65 -12.86
CA GLN C 65 -6.22 -28.69 -12.14
C GLN C 65 -6.51 -27.37 -11.45
N SER C 73 -0.27 -18.13 -22.33
CA SER C 73 0.48 -16.89 -22.36
C SER C 73 1.94 -17.11 -22.75
N ASN C 74 2.44 -18.33 -22.52
CA ASN C 74 3.83 -18.62 -22.85
C ASN C 74 4.17 -20.04 -23.31
N ARG C 75 5.46 -20.25 -23.57
CA ARG C 75 6.06 -21.49 -24.05
C ARG C 75 5.22 -22.35 -24.99
N ILE C 76 5.23 -23.66 -24.76
CA ILE C 76 4.50 -24.63 -25.57
C ILE C 76 3.52 -24.01 -26.57
N TYR C 77 2.50 -23.35 -26.06
CA TYR C 77 1.50 -22.70 -26.89
C TYR C 77 2.18 -21.86 -27.98
N LYS C 78 3.02 -20.93 -27.54
CA LYS C 78 3.74 -20.05 -28.44
C LYS C 78 4.80 -20.75 -29.28
N ILE C 79 5.48 -21.73 -28.70
CA ILE C 79 6.49 -22.49 -29.44
C ILE C 79 5.78 -23.11 -30.65
N LEU C 80 4.49 -23.39 -30.49
CA LEU C 80 3.70 -23.97 -31.56
C LEU C 80 3.14 -22.91 -32.51
N GLU C 81 3.44 -21.64 -32.24
CA GLU C 81 2.99 -20.56 -33.13
C GLU C 81 3.88 -20.65 -34.37
N LEU C 82 5.11 -21.12 -34.17
CA LEU C 82 6.06 -21.29 -35.27
C LEU C 82 5.36 -22.23 -36.25
N ASN C 83 5.87 -22.30 -37.48
CA ASN C 83 5.26 -23.13 -38.51
C ASN C 83 3.75 -23.19 -38.33
N GLY C 84 3.18 -22.01 -38.14
CA GLY C 84 1.75 -21.81 -37.97
C GLY C 84 0.86 -22.97 -37.61
N TYR C 85 1.24 -23.76 -36.61
CA TYR C 85 0.39 -24.87 -36.18
C TYR C 85 -0.76 -24.25 -35.39
N ASP C 86 -1.96 -24.80 -35.57
CA ASP C 86 -3.12 -24.32 -34.83
C ASP C 86 -3.09 -25.01 -33.46
N PRO C 87 -2.53 -24.34 -32.44
CA PRO C 87 -2.39 -24.83 -31.06
C PRO C 87 -3.59 -25.56 -30.49
N GLN C 88 -4.80 -25.09 -30.79
CA GLN C 88 -5.99 -25.78 -30.28
C GLN C 88 -5.97 -27.18 -30.90
N TYR C 89 -5.59 -27.25 -32.18
CA TYR C 89 -5.52 -28.52 -32.88
C TYR C 89 -4.32 -29.31 -32.36
N ALA C 90 -3.14 -28.70 -32.44
CA ALA C 90 -1.93 -29.36 -31.97
C ALA C 90 -2.09 -29.83 -30.53
N ALA C 91 -2.69 -29.01 -29.68
CA ALA C 91 -2.89 -29.37 -28.28
C ALA C 91 -3.70 -30.65 -28.15
N SER C 92 -4.64 -30.87 -29.06
CA SER C 92 -5.45 -32.08 -29.00
C SER C 92 -4.63 -33.30 -29.37
N VAL C 93 -3.56 -33.07 -30.11
CA VAL C 93 -2.65 -34.14 -30.51
C VAL C 93 -1.88 -34.62 -29.27
N PHE C 94 -1.24 -33.67 -28.58
CA PHE C 94 -0.48 -34.01 -27.37
C PHE C 94 -1.33 -34.68 -26.32
N LEU C 95 -2.50 -34.09 -26.04
CA LEU C 95 -3.41 -34.66 -25.05
C LEU C 95 -3.76 -36.10 -25.43
N GLY C 96 -4.32 -36.26 -26.61
CA GLY C 96 -4.69 -37.58 -27.10
C GLY C 96 -3.48 -38.50 -27.05
N TRP C 97 -2.31 -37.93 -27.33
CA TRP C 97 -1.09 -38.70 -27.29
C TRP C 97 -0.84 -39.16 -25.85
N ALA C 98 -0.99 -38.22 -24.92
CA ALA C 98 -0.79 -38.49 -23.49
C ALA C 98 -1.70 -39.61 -23.02
N THR C 99 -2.77 -39.82 -23.76
CA THR C 99 -3.73 -40.88 -23.47
C THR C 99 -3.53 -41.96 -24.54
N LYS C 100 -4.32 -43.03 -24.51
CA LYS C 100 -4.17 -44.09 -25.51
C LYS C 100 -4.66 -43.55 -26.86
N LYS C 101 -5.72 -42.75 -26.77
CA LYS C 101 -6.39 -42.08 -27.89
C LYS C 101 -6.17 -42.50 -29.35
N PHE C 102 -4.92 -42.45 -29.83
CA PHE C 102 -4.64 -42.76 -31.23
C PHE C 102 -3.96 -44.09 -31.56
N GLY C 103 -4.58 -45.19 -31.13
CA GLY C 103 -4.05 -46.52 -31.39
C GLY C 103 -2.54 -46.66 -31.54
N LYS C 104 -2.09 -46.97 -32.76
CA LYS C 104 -0.67 -47.16 -33.02
C LYS C 104 0.11 -45.86 -33.22
N ARG C 105 -0.47 -44.74 -32.80
CA ARG C 105 0.16 -43.43 -32.95
C ARG C 105 1.33 -43.23 -31.98
N ASN C 106 1.00 -42.97 -30.71
CA ASN C 106 2.00 -42.74 -29.67
C ASN C 106 3.43 -42.57 -30.16
N THR C 107 3.81 -41.30 -30.30
CA THR C 107 5.13 -40.85 -30.75
C THR C 107 4.95 -39.50 -31.44
N ILE C 108 5.01 -38.41 -30.67
CA ILE C 108 4.86 -37.09 -31.25
C ILE C 108 6.23 -36.51 -31.56
N TRP C 109 6.94 -37.20 -32.45
CA TRP C 109 8.29 -36.83 -32.89
C TRP C 109 8.40 -35.36 -33.34
N LEU C 110 9.51 -34.73 -32.95
CA LEU C 110 9.78 -33.34 -33.33
C LEU C 110 11.07 -33.32 -34.14
N PHE C 111 10.99 -32.72 -35.34
CA PHE C 111 12.15 -32.65 -36.25
C PHE C 111 13.09 -31.48 -35.99
N GLY C 112 12.67 -30.29 -36.38
CA GLY C 112 13.48 -29.09 -36.20
C GLY C 112 14.33 -29.04 -34.95
N PRO C 113 15.63 -28.84 -35.12
CA PRO C 113 16.56 -28.75 -34.00
C PRO C 113 16.53 -27.35 -33.39
N ALA C 114 15.33 -26.77 -33.30
CA ALA C 114 15.15 -25.43 -32.75
C ALA C 114 13.88 -25.29 -31.91
N THR C 115 13.74 -26.16 -30.91
CA THR C 115 12.59 -26.17 -30.00
C THR C 115 12.29 -27.60 -29.53
N THR C 116 12.73 -28.57 -30.33
CA THR C 116 12.51 -29.98 -30.03
C THR C 116 12.87 -30.35 -28.60
N ASN C 120 13.34 -29.62 -25.58
CA ASN C 120 13.09 -28.52 -24.68
C ASN C 120 11.68 -28.67 -24.12
N ILE C 121 10.77 -29.13 -24.98
CA ILE C 121 9.39 -29.36 -24.58
C ILE C 121 9.35 -30.81 -24.06
N ALA C 122 10.12 -31.68 -24.70
CA ALA C 122 10.19 -33.08 -24.30
C ALA C 122 10.67 -33.18 -22.84
N GLU C 123 11.78 -32.51 -22.55
CA GLU C 123 12.33 -32.51 -21.21
C GLU C 123 11.27 -32.04 -20.21
N ALA C 124 10.61 -30.93 -20.53
CA ALA C 124 9.59 -30.37 -19.66
C ALA C 124 8.34 -31.24 -19.49
N ILE C 125 8.13 -32.18 -20.42
CA ILE C 125 6.98 -33.06 -20.33
C ILE C 125 7.39 -34.38 -19.68
N ALA C 126 8.64 -34.78 -19.90
CA ALA C 126 9.15 -36.02 -19.34
C ALA C 126 9.33 -35.87 -17.82
N HIS C 127 9.91 -34.76 -17.40
CA HIS C 127 10.13 -34.53 -15.98
C HIS C 127 8.86 -34.16 -15.24
N THR C 128 7.76 -34.02 -15.97
CA THR C 128 6.50 -33.66 -15.32
C THR C 128 5.86 -34.92 -14.75
N VAL C 129 6.21 -36.08 -15.29
CA VAL C 129 5.66 -37.35 -14.81
C VAL C 129 6.60 -38.10 -13.86
N PRO C 130 6.02 -38.84 -12.90
CA PRO C 130 6.71 -39.65 -11.88
C PRO C 130 7.81 -40.53 -12.46
N PHE C 131 7.47 -41.34 -13.45
CA PHE C 131 8.45 -42.23 -14.07
C PHE C 131 8.50 -42.07 -15.59
N TYR C 132 9.70 -42.25 -16.14
CA TYR C 132 9.89 -42.14 -17.58
C TYR C 132 11.15 -42.92 -18.00
N GLY C 133 11.26 -43.19 -19.29
CA GLY C 133 12.42 -43.92 -19.80
C GLY C 133 13.31 -43.06 -20.67
N CYS C 134 13.27 -41.75 -20.47
CA CYS C 134 14.07 -40.80 -21.24
C CYS C 134 15.57 -41.08 -21.10
N CYS C 147 12.24 -48.80 -19.81
CA CYS C 147 10.90 -48.55 -20.35
C CYS C 147 9.85 -49.43 -19.66
N VAL C 148 10.11 -49.74 -18.39
CA VAL C 148 9.20 -50.58 -17.61
C VAL C 148 8.38 -49.75 -16.63
N ASP C 149 7.06 -49.93 -16.69
CA ASP C 149 6.11 -49.21 -15.83
C ASP C 149 6.17 -47.69 -15.92
N LYS C 150 7.06 -47.17 -16.76
CA LYS C 150 7.19 -45.73 -16.95
C LYS C 150 5.88 -45.19 -17.53
N MET C 151 5.75 -43.87 -17.63
CA MET C 151 4.54 -43.26 -18.15
C MET C 151 4.80 -42.57 -19.49
N VAL C 152 6.05 -42.18 -19.72
CA VAL C 152 6.43 -41.51 -20.95
C VAL C 152 7.86 -41.90 -21.29
N ILE C 153 8.11 -42.23 -22.56
CA ILE C 153 9.44 -42.62 -23.01
C ILE C 153 9.99 -41.55 -23.95
N TRP C 154 11.24 -41.15 -23.72
CA TRP C 154 11.88 -40.11 -24.53
C TRP C 154 13.12 -40.61 -25.26
N TRP C 155 13.25 -40.22 -26.53
CA TRP C 155 14.41 -40.58 -27.35
C TRP C 155 15.08 -39.33 -27.90
N GLU C 156 16.41 -39.35 -27.97
CA GLU C 156 17.16 -38.20 -28.47
C GLU C 156 18.57 -38.60 -28.89
N ALA C 187 9.37 -59.46 -18.23
CA ALA C 187 9.19 -58.10 -17.73
C ALA C 187 7.82 -57.55 -18.13
N GLN C 188 7.68 -57.21 -19.41
CA GLN C 188 6.45 -56.66 -19.99
C GLN C 188 6.34 -55.14 -19.88
N ILE C 189 6.31 -54.47 -21.03
CA ILE C 189 6.19 -53.02 -21.07
C ILE C 189 4.78 -52.64 -21.54
N ASP C 190 4.05 -51.92 -20.69
CA ASP C 190 2.69 -51.51 -21.00
C ASP C 190 2.70 -50.29 -21.93
N PRO C 191 1.56 -50.00 -22.58
CA PRO C 191 1.38 -48.88 -23.51
C PRO C 191 1.96 -47.53 -23.04
N THR C 192 3.18 -47.23 -23.50
CA THR C 192 3.86 -45.99 -23.13
C THR C 192 3.95 -45.01 -24.31
N PRO C 193 3.33 -43.83 -24.16
CA PRO C 193 3.30 -42.77 -25.17
C PRO C 193 4.53 -42.62 -26.08
N VAL C 194 5.68 -42.25 -25.52
CA VAL C 194 6.88 -42.08 -26.32
C VAL C 194 6.84 -40.82 -27.19
N ILE C 195 7.91 -40.03 -27.11
CA ILE C 195 8.04 -38.80 -27.89
C ILE C 195 9.47 -38.75 -28.43
N VAL C 196 9.61 -38.72 -29.75
CA VAL C 196 10.94 -38.71 -30.38
C VAL C 196 11.47 -37.33 -30.70
N THR C 197 12.77 -37.14 -30.52
CA THR C 197 13.39 -35.86 -30.81
C THR C 197 14.78 -36.00 -31.43
N SER C 198 14.89 -35.63 -32.70
CA SER C 198 16.13 -35.69 -33.46
C SER C 198 15.85 -35.30 -34.90
N ASN C 199 16.86 -35.48 -35.76
CA ASN C 199 16.75 -35.17 -37.18
C ASN C 199 16.88 -36.47 -37.98
N THR C 200 17.23 -37.54 -37.26
CA THR C 200 17.39 -38.88 -37.84
C THR C 200 16.17 -39.31 -38.67
N ASN C 201 16.21 -39.01 -39.97
CA ASN C 201 15.11 -39.36 -40.85
C ASN C 201 15.38 -40.69 -41.56
N LEU C 219 5.99 -48.08 -39.99
CA LEU C 219 6.29 -47.18 -38.87
C LEU C 219 5.76 -45.78 -39.14
N GLN C 220 5.96 -45.31 -40.36
CA GLN C 220 5.50 -43.99 -40.75
C GLN C 220 3.99 -43.89 -40.53
N ASP C 221 3.36 -45.03 -40.38
CA ASP C 221 1.92 -45.09 -40.14
C ASP C 221 1.76 -45.31 -38.64
N ARG C 222 2.66 -44.70 -37.86
CA ARG C 222 2.63 -44.84 -36.41
C ARG C 222 3.30 -43.70 -35.64
N MET C 223 3.06 -42.46 -36.05
CA MET C 223 3.65 -41.32 -35.35
C MET C 223 3.29 -39.96 -35.96
N PHE C 224 3.01 -38.99 -35.09
CA PHE C 224 2.67 -37.63 -35.51
C PHE C 224 3.94 -36.83 -35.72
N LYS C 225 4.05 -36.17 -36.86
CA LYS C 225 5.23 -35.37 -37.14
C LYS C 225 4.99 -33.87 -37.07
N PHE C 226 5.67 -33.20 -36.15
CA PHE C 226 5.60 -31.75 -35.98
C PHE C 226 6.94 -31.19 -36.40
N GLU C 227 6.97 -30.30 -37.38
CA GLU C 227 8.24 -29.70 -37.80
C GLU C 227 8.48 -28.38 -37.06
N LEU C 228 9.40 -28.41 -36.09
CA LEU C 228 9.70 -27.22 -35.32
C LEU C 228 10.89 -26.45 -35.89
N THR C 229 10.74 -25.96 -37.10
CA THR C 229 11.78 -25.20 -37.77
C THR C 229 11.57 -23.71 -37.51
N ARG C 230 12.23 -23.20 -36.47
CA ARG C 230 12.11 -21.79 -36.10
C ARG C 230 13.37 -21.35 -35.36
N ARG C 231 13.30 -20.20 -34.72
CA ARG C 231 14.44 -19.66 -33.97
C ARG C 231 13.95 -18.79 -32.80
N LEU C 232 14.00 -19.35 -31.60
CA LEU C 232 13.58 -18.65 -30.40
C LEU C 232 14.70 -17.71 -29.96
N ASP C 233 14.33 -16.55 -29.43
CA ASP C 233 15.30 -15.56 -28.97
C ASP C 233 15.85 -15.92 -27.58
N HIS C 234 16.77 -15.10 -27.08
CA HIS C 234 17.36 -15.33 -25.76
C HIS C 234 16.30 -15.10 -24.68
N ASP C 235 15.25 -14.37 -25.05
CA ASP C 235 14.15 -14.05 -24.13
C ASP C 235 13.49 -15.31 -23.55
N PHE C 236 12.83 -16.09 -24.39
CA PHE C 236 12.16 -17.31 -23.94
C PHE C 236 13.20 -18.34 -23.52
N GLY C 237 12.83 -19.24 -22.60
CA GLY C 237 13.75 -20.26 -22.14
C GLY C 237 13.15 -21.61 -21.85
N LYS C 238 13.29 -22.08 -20.59
CA LYS C 238 12.77 -23.37 -20.17
C LYS C 238 11.25 -23.38 -20.25
N VAL C 239 10.67 -24.53 -20.62
CA VAL C 239 9.22 -24.65 -20.74
C VAL C 239 8.47 -24.54 -19.42
N THR C 240 9.06 -25.05 -18.34
CA THR C 240 8.43 -24.97 -17.02
C THR C 240 7.30 -25.97 -16.80
N LYS C 241 7.46 -26.80 -15.76
CA LYS C 241 6.47 -27.80 -15.38
C LYS C 241 5.07 -27.21 -15.27
N GLN C 242 5.00 -25.99 -14.74
CA GLN C 242 3.73 -25.31 -14.56
C GLN C 242 2.99 -25.18 -15.90
N GLU C 243 3.70 -24.76 -16.93
CA GLU C 243 3.10 -24.58 -18.25
C GLU C 243 2.76 -25.90 -18.95
N VAL C 244 3.59 -26.92 -18.73
CA VAL C 244 3.34 -28.23 -19.32
C VAL C 244 1.99 -28.69 -18.74
N LYS C 245 1.89 -28.68 -17.41
CA LYS C 245 0.67 -29.09 -16.74
C LYS C 245 -0.51 -28.20 -17.15
N ASP C 246 -0.22 -26.93 -17.42
CA ASP C 246 -1.25 -25.98 -17.83
C ASP C 246 -1.64 -26.16 -19.30
N PHE C 247 -0.67 -26.58 -20.12
CA PHE C 247 -0.92 -26.80 -21.53
C PHE C 247 -1.94 -27.92 -21.72
N PHE C 248 -1.68 -29.06 -21.10
CA PHE C 248 -2.60 -30.20 -21.22
C PHE C 248 -3.97 -29.90 -20.65
N ARG C 249 -4.03 -29.03 -19.65
CA ARG C 249 -5.31 -28.66 -19.05
C ARG C 249 -6.15 -27.98 -20.13
N TRP C 250 -5.57 -26.95 -20.75
CA TRP C 250 -6.24 -26.23 -21.82
C TRP C 250 -6.77 -27.26 -22.81
N ALA C 251 -5.87 -28.11 -23.29
CA ALA C 251 -6.19 -29.16 -24.25
C ALA C 251 -7.36 -30.02 -23.78
N LYS C 252 -7.62 -30.05 -22.49
CA LYS C 252 -8.73 -30.84 -21.96
C LYS C 252 -10.04 -30.06 -21.97
N ASP C 253 -9.94 -28.73 -21.87
CA ASP C 253 -11.12 -27.88 -21.86
C ASP C 253 -11.56 -27.47 -23.26
N HIS C 254 -10.92 -28.04 -24.28
CA HIS C 254 -11.24 -27.71 -25.65
C HIS C 254 -11.37 -28.95 -26.51
N VAL C 255 -10.24 -29.47 -26.98
CA VAL C 255 -10.25 -30.67 -27.81
C VAL C 255 -10.97 -30.45 -29.14
N VAL C 256 -10.53 -31.18 -30.14
CA VAL C 256 -11.07 -31.14 -31.50
C VAL C 256 -10.61 -32.43 -32.16
N GLU C 257 -11.39 -32.94 -33.10
CA GLU C 257 -11.01 -34.18 -33.76
C GLU C 257 -9.62 -34.03 -34.37
N VAL C 258 -8.83 -35.11 -34.29
CA VAL C 258 -7.49 -35.11 -34.84
C VAL C 258 -7.40 -36.02 -36.06
N GLU C 259 -6.85 -35.50 -37.15
CA GLU C 259 -6.71 -36.29 -38.37
C GLU C 259 -5.50 -37.21 -38.16
N HIS C 260 -5.76 -38.51 -38.05
CA HIS C 260 -4.67 -39.48 -37.84
C HIS C 260 -3.77 -39.55 -39.07
N GLU C 261 -2.56 -39.00 -38.98
CA GLU C 261 -1.64 -39.04 -40.12
C GLU C 261 -0.27 -38.45 -39.87
N PHE C 262 0.72 -38.92 -40.63
CA PHE C 262 2.07 -38.39 -40.54
C PHE C 262 1.94 -37.02 -41.20
N TYR C 263 2.61 -36.03 -40.65
CA TYR C 263 2.54 -34.64 -41.16
C TYR C 263 1.22 -34.06 -40.61
N VAL C 264 1.24 -33.46 -39.42
CA VAL C 264 -0.01 -32.92 -38.87
C VAL C 264 -0.43 -31.66 -39.64
N LYS C 265 -1.75 -31.42 -39.66
CA LYS C 265 -2.33 -30.27 -40.37
C LYS C 265 -1.44 -29.07 -40.65
N LYS C 266 -0.61 -28.69 -39.68
CA LYS C 266 0.28 -27.55 -39.88
C LYS C 266 -0.47 -26.22 -40.05
N GLY C 267 -1.64 -26.25 -40.66
CA GLY C 267 -2.40 -25.04 -40.87
C GLY C 267 -3.47 -24.78 -39.83
N GLY C 268 -3.98 -23.54 -39.82
CA GLY C 268 -5.01 -23.17 -38.87
C GLY C 268 -6.31 -23.94 -39.03
#